data_9K9M
#
_entry.id   9K9M
#
_cell.length_a   122.954
_cell.length_b   152.093
_cell.length_c   116.602
_cell.angle_alpha   90.000
_cell.angle_beta   90.000
_cell.angle_gamma   90.000
#
_symmetry.space_group_name_H-M   'C 2 2 21'
#
loop_
_entity.id
_entity.type
_entity.pdbx_description
1 polymer 'Flagellar associated protein'
2 water water
#
_entity_poly.entity_id   1
_entity_poly.type   'polypeptide(L)'
_entity_poly.pdbx_seq_one_letter_code
;MGGSHHHHHHSSGENLYFQGHMVLLHMKRSELDQFLFETTVASTVDETTRQMAEVHNLRHRIERLKAEGEELAKHGPAKR
PDQQGIDRYQEAPVEKGPNYAEDPTGRRTGNACDPEVAKVLVKTLEEAVAVAHKDQVAKKMPLTIKALQEAVDNVRGAVM
ICYPMGLPEWDPVRLGLEGSEDLAGTSYAADELPADVATLWFAGKQMAPEKKLSDYLGRHEKTKAVVKLQKKGQGAPSR
;
_entity_poly.pdbx_strand_id   A,C,B,D
#
# COMPACT_ATOMS: atom_id res chain seq x y z
N HIS A 21 6.64 32.36 7.70
CA HIS A 21 5.73 31.77 8.66
C HIS A 21 4.45 31.26 7.98
N MET A 22 3.72 30.41 8.71
CA MET A 22 2.54 29.72 8.24
C MET A 22 1.30 30.19 8.97
N VAL A 23 0.15 30.07 8.30
CA VAL A 23 -1.15 30.34 8.91
C VAL A 23 -2.03 29.11 8.69
N LEU A 24 -2.81 28.75 9.71
CA LEU A 24 -3.81 27.70 9.61
C LEU A 24 -5.16 28.38 9.40
N LEU A 25 -5.73 28.20 8.22
CA LEU A 25 -7.03 28.78 7.89
C LEU A 25 -8.14 27.76 8.10
N HIS A 26 -9.23 28.21 8.69
CA HIS A 26 -10.40 27.36 8.93
C HIS A 26 -11.55 27.90 8.09
N MET A 27 -11.72 27.33 6.90
CA MET A 27 -12.84 27.65 6.02
C MET A 27 -14.12 27.02 6.56
N LYS A 28 -15.06 27.83 7.02
CA LYS A 28 -16.31 27.34 7.60
C LYS A 28 -17.50 27.99 6.91
N ARG A 29 -18.23 27.21 6.10
CA ARG A 29 -19.48 27.72 5.55
C ARG A 29 -20.68 27.22 6.33
N SER A 30 -20.52 26.07 6.96
CA SER A 30 -21.58 25.43 7.72
C SER A 30 -20.92 24.32 8.52
N GLU A 31 -21.74 23.61 9.30
CA GLU A 31 -21.18 22.52 10.08
C GLU A 31 -20.81 21.31 9.22
N LEU A 32 -21.42 21.16 8.05
CA LEU A 32 -20.98 20.12 7.13
C LEU A 32 -20.03 20.62 6.07
N ASP A 33 -20.05 21.92 5.77
CA ASP A 33 -19.28 22.53 4.70
C ASP A 33 -18.12 23.29 5.33
N GLN A 34 -17.04 22.58 5.64
CA GLN A 34 -15.93 23.18 6.37
C GLN A 34 -14.66 22.34 6.21
N PHE A 35 -13.51 23.03 6.25
CA PHE A 35 -12.23 22.34 6.17
C PHE A 35 -11.11 23.25 6.63
N LEU A 36 -9.96 22.65 6.88
CA LEU A 36 -8.75 23.35 7.24
C LEU A 36 -7.81 23.42 6.03
N PHE A 37 -7.03 24.49 5.97
CA PHE A 37 -6.11 24.72 4.87
C PHE A 37 -4.95 25.52 5.44
N GLU A 38 -3.73 25.12 5.12
CA GLU A 38 -2.59 25.80 5.72
C GLU A 38 -1.70 26.33 4.62
N THR A 39 -1.22 27.56 4.80
CA THR A 39 -0.39 28.21 3.79
C THR A 39 0.52 29.24 4.45
N THR A 40 1.38 29.86 3.64
CA THR A 40 2.21 30.95 4.12
C THR A 40 1.38 32.23 4.19
N VAL A 41 1.45 32.92 5.33
CA VAL A 41 0.71 34.15 5.51
C VAL A 41 1.15 35.27 4.57
N ALA A 42 2.31 35.14 3.93
CA ALA A 42 2.74 36.08 2.91
C ALA A 42 2.04 35.89 1.58
N SER A 43 1.19 34.88 1.42
CA SER A 43 0.57 34.65 0.13
C SER A 43 -0.54 35.65 -0.10
N THR A 44 -0.79 35.94 -1.36
CA THR A 44 -1.86 36.87 -1.68
C THR A 44 -3.19 36.25 -1.32
N VAL A 45 -4.16 37.11 -1.04
CA VAL A 45 -5.52 36.64 -0.86
C VAL A 45 -6.03 35.96 -2.13
N ASP A 46 -5.72 36.55 -3.28
CA ASP A 46 -6.25 36.01 -4.53
C ASP A 46 -5.81 34.57 -4.75
N GLU A 47 -4.52 34.29 -4.58
CA GLU A 47 -4.03 32.93 -4.86
C GLU A 47 -4.53 31.94 -3.81
N THR A 48 -4.69 32.38 -2.57
CA THR A 48 -5.26 31.53 -1.54
C THR A 48 -6.72 31.23 -1.82
N THR A 49 -7.46 32.23 -2.27
CA THR A 49 -8.87 32.03 -2.58
C THR A 49 -9.05 30.98 -3.68
N ARG A 50 -8.22 31.06 -4.73
CA ARG A 50 -8.32 30.10 -5.83
C ARG A 50 -7.94 28.70 -5.38
N GLN A 51 -6.85 28.60 -4.60
CA GLN A 51 -6.44 27.30 -4.08
C GLN A 51 -7.54 26.70 -3.22
N MET A 52 -8.17 27.53 -2.39
CA MET A 52 -9.19 27.00 -1.52
C MET A 52 -10.46 26.70 -2.29
N ALA A 53 -10.72 27.45 -3.35
CA ALA A 53 -11.86 27.12 -4.18
C ALA A 53 -11.70 25.75 -4.83
N GLU A 54 -10.48 25.40 -5.26
CA GLU A 54 -10.29 24.08 -5.85
C GLU A 54 -10.49 22.98 -4.83
N VAL A 55 -10.03 23.19 -3.58
CA VAL A 55 -10.26 22.23 -2.51
C VAL A 55 -11.75 22.07 -2.27
N HIS A 56 -12.46 23.20 -2.15
CA HIS A 56 -13.89 23.19 -1.91
C HIS A 56 -14.65 22.41 -2.96
N ASN A 57 -14.36 22.69 -4.24
CA ASN A 57 -15.11 22.04 -5.31
C ASN A 57 -14.82 20.56 -5.37
N LEU A 58 -13.56 20.15 -5.07
CA LEU A 58 -13.19 18.75 -4.98
C LEU A 58 -13.95 18.04 -3.88
N ARG A 59 -14.08 18.68 -2.71
CA ARG A 59 -14.85 18.08 -1.62
C ARG A 59 -16.26 17.75 -2.08
N HIS A 60 -16.90 18.67 -2.79
CA HIS A 60 -18.27 18.42 -3.18
C HIS A 60 -18.38 17.46 -4.36
N ARG A 61 -17.40 17.46 -5.26
CA ARG A 61 -17.33 16.37 -6.25
C ARG A 61 -17.28 15.02 -5.54
N ILE A 62 -16.46 14.89 -4.50
CA ILE A 62 -16.33 13.61 -3.85
C ILE A 62 -17.65 13.20 -3.21
N GLU A 63 -18.38 14.16 -2.62
CA GLU A 63 -19.67 13.77 -2.05
C GLU A 63 -20.62 13.26 -3.12
N ARG A 64 -20.64 13.91 -4.30
CA ARG A 64 -21.52 13.43 -5.38
C ARG A 64 -21.01 12.12 -5.96
N LEU A 65 -19.69 11.97 -6.08
CA LEU A 65 -19.09 10.76 -6.58
C LEU A 65 -19.50 9.55 -5.76
N LYS A 66 -19.71 9.75 -4.45
CA LYS A 66 -20.07 8.65 -3.58
C LYS A 66 -21.49 8.18 -3.81
N ALA A 67 -22.43 9.12 -3.97
CA ALA A 67 -23.81 8.72 -4.24
C ALA A 67 -23.91 8.00 -5.57
N GLU A 68 -23.28 8.55 -6.61
CA GLU A 68 -23.38 7.96 -7.93
C GLU A 68 -22.52 6.70 -8.04
N GLY A 69 -21.37 6.69 -7.35
CA GLY A 69 -20.51 5.53 -7.37
C GLY A 69 -21.17 4.32 -6.75
N GLU A 70 -21.97 4.53 -5.70
CA GLU A 70 -22.63 3.36 -5.13
C GLU A 70 -23.70 2.84 -6.07
N GLU A 71 -24.39 3.75 -6.77
CA GLU A 71 -25.34 3.30 -7.79
C GLU A 71 -24.62 2.59 -8.92
N LEU A 72 -23.47 3.10 -9.35
CA LEU A 72 -22.69 2.38 -10.33
C LEU A 72 -22.29 1.01 -9.78
N ALA A 73 -21.95 0.96 -8.50
CA ALA A 73 -21.55 -0.29 -7.86
C ALA A 73 -22.67 -1.31 -7.87
N LYS A 74 -23.92 -0.88 -7.65
CA LYS A 74 -25.05 -1.80 -7.60
C LYS A 74 -25.61 -2.14 -8.98
N HIS A 75 -25.52 -1.22 -9.95
CA HIS A 75 -26.34 -1.37 -11.15
C HIS A 75 -25.63 -1.10 -12.47
N GLY A 76 -24.32 -0.94 -12.48
CA GLY A 76 -23.62 -0.78 -13.71
C GLY A 76 -23.76 0.61 -14.33
N PRO A 77 -23.38 0.71 -15.60
CA PRO A 77 -23.25 2.03 -16.21
C PRO A 77 -24.59 2.69 -16.44
N ALA A 78 -24.54 4.02 -16.54
CA ALA A 78 -25.72 4.84 -16.75
C ALA A 78 -26.30 4.60 -18.13
N LYS A 79 -27.62 4.53 -18.22
CA LYS A 79 -28.28 4.64 -19.50
C LYS A 79 -28.10 6.05 -20.03
N ARG A 80 -28.15 6.20 -21.35
CA ARG A 80 -28.14 7.56 -21.87
C ARG A 80 -29.37 8.30 -21.36
N PRO A 81 -29.24 9.56 -20.94
CA PRO A 81 -30.36 10.23 -20.25
C PRO A 81 -31.67 10.25 -21.04
N ASP A 82 -31.63 10.22 -22.38
CA ASP A 82 -32.88 10.19 -23.13
C ASP A 82 -33.49 8.79 -23.26
N GLN A 83 -32.81 7.76 -22.75
CA GLN A 83 -33.26 6.38 -22.88
C GLN A 83 -33.45 5.72 -21.52
N GLN A 84 -33.84 6.52 -20.53
CA GLN A 84 -34.01 5.99 -19.18
C GLN A 84 -35.41 5.41 -19.03
N GLY A 85 -35.56 4.55 -18.06
CA GLY A 85 -36.81 3.85 -17.82
C GLY A 85 -36.49 2.54 -17.14
N ILE A 86 -37.42 2.07 -16.33
CA ILE A 86 -37.17 0.85 -15.57
C ILE A 86 -37.17 -0.34 -16.50
N ASP A 87 -36.21 -1.25 -16.28
CA ASP A 87 -35.96 -2.35 -17.21
C ASP A 87 -37.23 -3.16 -17.49
N ARG A 88 -38.02 -3.45 -16.44
CA ARG A 88 -39.19 -4.33 -16.58
C ARG A 88 -40.12 -3.89 -17.70
N TYR A 89 -40.36 -2.58 -17.82
CA TYR A 89 -41.28 -2.05 -18.81
C TYR A 89 -40.58 -1.35 -19.98
N GLN A 90 -39.36 -1.79 -20.32
CA GLN A 90 -38.57 -1.04 -21.28
C GLN A 90 -39.14 -1.09 -22.70
N GLU A 91 -39.74 -2.21 -23.09
CA GLU A 91 -40.12 -2.53 -24.47
C GLU A 91 -38.90 -2.92 -25.30
N ALA A 92 -37.84 -2.10 -25.26
CA ALA A 92 -36.59 -2.50 -25.89
C ALA A 92 -35.91 -3.61 -25.09
N PRO A 93 -35.20 -4.52 -25.77
CA PRO A 93 -34.65 -5.71 -25.10
C PRO A 93 -33.49 -5.38 -24.18
N VAL A 94 -33.48 -5.99 -22.99
CA VAL A 94 -32.47 -5.68 -21.98
C VAL A 94 -31.46 -6.82 -21.94
N GLU A 95 -30.19 -6.48 -22.04
CA GLU A 95 -29.11 -7.47 -22.02
C GLU A 95 -28.70 -7.74 -20.58
N LYS A 96 -29.07 -8.91 -20.06
CA LYS A 96 -28.84 -9.25 -18.67
C LYS A 96 -27.55 -10.03 -18.57
N GLY A 97 -26.56 -9.46 -17.92
CA GLY A 97 -25.28 -10.10 -17.73
C GLY A 97 -25.24 -11.00 -16.52
N PRO A 98 -24.05 -11.52 -16.21
CA PRO A 98 -23.90 -12.40 -15.03
C PRO A 98 -24.37 -11.77 -13.74
N ASN A 99 -24.08 -10.48 -13.55
CA ASN A 99 -24.42 -9.80 -12.31
C ASN A 99 -25.61 -8.86 -12.46
N TYR A 100 -26.55 -9.24 -13.31
CA TYR A 100 -27.68 -8.36 -13.58
C TYR A 100 -28.46 -8.08 -12.31
N ALA A 101 -28.79 -6.81 -12.10
CA ALA A 101 -29.63 -6.40 -10.97
C ALA A 101 -30.38 -5.14 -11.40
N GLU A 102 -31.67 -5.29 -11.70
CA GLU A 102 -32.46 -4.21 -12.24
C GLU A 102 -32.43 -2.97 -11.33
N ASP A 103 -32.01 -1.84 -11.90
CA ASP A 103 -32.01 -0.59 -11.17
C ASP A 103 -33.44 -0.16 -10.95
N PRO A 104 -33.90 -0.08 -9.69
CA PRO A 104 -35.30 0.33 -9.47
C PRO A 104 -35.59 1.76 -9.90
N THR A 105 -34.58 2.59 -10.12
CA THR A 105 -34.81 3.93 -10.64
C THR A 105 -34.74 4.03 -12.16
N GLY A 106 -34.36 2.96 -12.85
CA GLY A 106 -34.28 3.00 -14.31
C GLY A 106 -33.18 3.87 -14.90
N ARG A 107 -32.14 4.21 -14.13
CA ARG A 107 -31.09 5.11 -14.60
C ARG A 107 -29.85 4.40 -15.12
N ARG A 108 -29.60 3.16 -14.67
CA ARG A 108 -28.43 2.39 -15.07
C ARG A 108 -28.87 1.06 -15.67
N THR A 109 -27.96 0.43 -16.42
CA THR A 109 -28.33 -0.73 -17.24
C THR A 109 -28.63 -1.97 -16.41
N GLY A 110 -28.14 -2.05 -15.18
CA GLY A 110 -28.29 -3.25 -14.38
C GLY A 110 -27.09 -4.17 -14.44
N ASN A 111 -26.21 -3.99 -15.42
CA ASN A 111 -25.09 -4.91 -15.64
C ASN A 111 -23.91 -4.48 -14.80
N ALA A 112 -24.00 -4.80 -13.52
CA ALA A 112 -22.95 -4.46 -12.58
C ALA A 112 -21.74 -5.36 -12.78
N CYS A 113 -20.60 -4.87 -12.31
CA CYS A 113 -19.40 -5.69 -12.15
C CYS A 113 -19.68 -6.87 -11.22
N ASP A 114 -18.71 -7.78 -11.12
CA ASP A 114 -18.82 -8.85 -10.13
C ASP A 114 -18.81 -8.27 -8.72
N PRO A 115 -19.66 -8.77 -7.81
CA PRO A 115 -19.80 -8.12 -6.51
C PRO A 115 -18.54 -8.16 -5.66
N GLU A 116 -17.62 -9.10 -5.91
CA GLU A 116 -16.44 -9.14 -5.06
C GLU A 116 -15.45 -8.05 -5.47
N VAL A 117 -15.36 -7.72 -6.76
CA VAL A 117 -14.57 -6.56 -7.15
C VAL A 117 -15.31 -5.25 -6.87
N ALA A 118 -16.66 -5.29 -6.78
CA ALA A 118 -17.42 -4.08 -6.45
C ALA A 118 -17.05 -3.52 -5.09
N LYS A 119 -16.67 -4.38 -4.14
CA LYS A 119 -16.30 -3.89 -2.82
C LYS A 119 -15.01 -3.06 -2.87
N VAL A 120 -14.15 -3.29 -3.86
CA VAL A 120 -12.98 -2.42 -4.04
C VAL A 120 -13.42 -1.01 -4.40
N LEU A 121 -14.38 -0.88 -5.34
CA LEU A 121 -14.88 0.43 -5.72
C LEU A 121 -15.56 1.10 -4.53
N VAL A 122 -16.43 0.35 -3.83
CA VAL A 122 -17.14 0.90 -2.69
C VAL A 122 -16.15 1.36 -1.62
N LYS A 123 -15.03 0.65 -1.49
CA LYS A 123 -14.10 1.00 -0.43
C LYS A 123 -13.35 2.28 -0.76
N THR A 124 -12.92 2.46 -2.02
CA THR A 124 -12.22 3.69 -2.39
C THR A 124 -13.14 4.91 -2.36
N LEU A 125 -14.44 4.70 -2.61
CA LEU A 125 -15.39 5.81 -2.48
C LEU A 125 -15.53 6.24 -1.03
N GLU A 126 -15.61 5.27 -0.11
CA GLU A 126 -15.66 5.60 1.30
C GLU A 126 -14.36 6.24 1.74
N GLU A 127 -13.24 5.79 1.17
CA GLU A 127 -11.94 6.38 1.49
C GLU A 127 -11.88 7.84 1.03
N ALA A 128 -12.44 8.11 -0.15
CA ALA A 128 -12.47 9.47 -0.68
C ALA A 128 -13.28 10.39 0.23
N VAL A 129 -14.47 9.92 0.64
CA VAL A 129 -15.30 10.70 1.55
C VAL A 129 -14.55 11.02 2.83
N ALA A 130 -13.79 10.05 3.34
CA ALA A 130 -13.05 10.25 4.59
C ALA A 130 -11.95 11.30 4.44
N VAL A 131 -11.24 11.30 3.31
CA VAL A 131 -10.21 12.31 3.10
C VAL A 131 -10.79 13.73 3.13
N ALA A 132 -12.00 13.91 2.59
CA ALA A 132 -12.55 15.25 2.45
C ALA A 132 -13.53 15.58 3.55
N HIS A 133 -13.72 14.66 4.50
CA HIS A 133 -14.83 14.77 5.42
C HIS A 133 -14.68 15.94 6.38
N LYS A 134 -15.85 16.41 6.85
CA LYS A 134 -15.91 17.43 7.89
C LYS A 134 -15.11 17.02 9.13
N ASP A 135 -15.08 15.72 9.44
CA ASP A 135 -14.33 15.22 10.59
C ASP A 135 -12.85 15.57 10.53
N GLN A 136 -12.32 15.88 9.34
CA GLN A 136 -10.89 16.21 9.29
C GLN A 136 -10.58 17.51 10.01
N VAL A 137 -11.58 18.36 10.26
CA VAL A 137 -11.33 19.56 11.03
C VAL A 137 -11.08 19.20 12.48
N ALA A 138 -11.94 18.36 13.04
CA ALA A 138 -11.74 17.91 14.42
C ALA A 138 -10.41 17.20 14.60
N LYS A 139 -9.93 16.46 13.59
CA LYS A 139 -8.62 15.84 13.66
C LYS A 139 -7.47 16.79 13.35
N LYS A 140 -7.74 18.08 13.22
CA LYS A 140 -6.72 19.08 12.88
C LYS A 140 -5.90 18.63 11.68
N MET A 141 -6.60 18.18 10.64
CA MET A 141 -5.91 17.75 9.44
C MET A 141 -6.28 18.68 8.29
N PRO A 142 -5.35 19.51 7.83
CA PRO A 142 -5.63 20.38 6.68
C PRO A 142 -5.70 19.58 5.39
N LEU A 143 -6.62 19.96 4.51
CA LEU A 143 -6.71 19.34 3.20
C LEU A 143 -5.77 20.06 2.24
N THR A 144 -5.28 19.32 1.26
CA THR A 144 -4.49 19.88 0.20
C THR A 144 -5.12 19.44 -1.10
N ILE A 145 -4.92 20.22 -2.16
CA ILE A 145 -5.46 19.88 -3.48
C ILE A 145 -4.96 18.52 -3.91
N LYS A 146 -3.69 18.21 -3.64
CA LYS A 146 -3.10 17.01 -4.19
C LYS A 146 -3.64 15.76 -3.48
N ALA A 147 -3.96 15.84 -2.18
CA ALA A 147 -4.53 14.69 -1.49
C ALA A 147 -5.93 14.39 -1.97
N LEU A 148 -6.77 15.42 -2.14
CA LEU A 148 -8.11 15.16 -2.63
C LEU A 148 -8.07 14.66 -4.06
N GLN A 149 -7.20 15.24 -4.90
CA GLN A 149 -7.09 14.76 -6.26
C GLN A 149 -6.59 13.32 -6.29
N GLU A 150 -5.71 12.98 -5.36
CA GLU A 150 -5.26 11.59 -5.31
C GLU A 150 -6.40 10.66 -4.93
N ALA A 151 -7.29 11.09 -4.03
CA ALA A 151 -8.42 10.24 -3.68
C ALA A 151 -9.35 10.05 -4.88
N VAL A 152 -9.52 11.08 -5.69
CA VAL A 152 -10.31 10.95 -6.91
C VAL A 152 -9.65 9.98 -7.87
N ASP A 153 -8.32 10.06 -7.99
CA ASP A 153 -7.60 9.15 -8.87
C ASP A 153 -7.79 7.70 -8.46
N ASN A 154 -7.82 7.44 -7.14
CA ASN A 154 -8.03 6.07 -6.67
C ASN A 154 -9.43 5.58 -7.01
N VAL A 155 -10.46 6.43 -6.89
CA VAL A 155 -11.79 5.99 -7.29
C VAL A 155 -11.80 5.72 -8.78
N ARG A 156 -11.07 6.52 -9.55
CA ARG A 156 -10.96 6.21 -10.97
C ARG A 156 -10.37 4.81 -11.20
N GLY A 157 -9.31 4.47 -10.48
CA GLY A 157 -8.68 3.17 -10.68
C GLY A 157 -9.58 2.01 -10.32
N ALA A 158 -10.28 2.11 -9.19
CA ALA A 158 -11.28 1.11 -8.84
C ALA A 158 -12.37 1.03 -9.91
N VAL A 159 -12.72 2.18 -10.50
CA VAL A 159 -13.75 2.19 -11.54
C VAL A 159 -13.29 1.36 -12.74
N MET A 160 -12.01 1.49 -13.12
CA MET A 160 -11.52 0.79 -14.30
C MET A 160 -11.28 -0.68 -14.03
N ILE A 161 -11.15 -1.05 -12.76
CA ILE A 161 -11.08 -2.46 -12.40
C ILE A 161 -12.45 -3.09 -12.50
N CYS A 162 -13.51 -2.34 -12.19
CA CYS A 162 -14.85 -2.89 -12.22
C CYS A 162 -15.50 -2.82 -13.59
N TYR A 163 -15.13 -1.85 -14.40
CA TYR A 163 -15.69 -1.69 -15.75
C TYR A 163 -14.52 -1.46 -16.69
N PRO A 164 -13.81 -2.52 -17.06
CA PRO A 164 -12.59 -2.35 -17.87
C PRO A 164 -12.87 -1.79 -19.24
N MET A 165 -14.11 -1.92 -19.73
CA MET A 165 -14.50 -1.29 -20.99
C MET A 165 -14.60 0.23 -20.87
N GLY A 166 -14.69 0.75 -19.64
CA GLY A 166 -14.89 2.18 -19.43
C GLY A 166 -16.34 2.58 -19.29
N LEU A 167 -16.53 3.84 -18.80
CA LEU A 167 -17.92 4.26 -18.67
C LEU A 167 -18.33 5.12 -19.84
N PRO A 168 -19.63 5.15 -20.19
CA PRO A 168 -20.07 6.04 -21.27
C PRO A 168 -19.86 7.51 -20.92
N GLU A 169 -19.84 8.32 -21.98
CA GLU A 169 -19.49 9.72 -21.87
C GLU A 169 -20.42 10.49 -20.95
N TRP A 170 -21.66 10.04 -20.83
CA TRP A 170 -22.70 10.71 -20.05
C TRP A 170 -22.82 10.22 -18.61
N ASP A 171 -22.02 9.23 -18.19
CA ASP A 171 -22.18 8.66 -16.85
C ASP A 171 -21.74 9.66 -15.79
N PRO A 172 -22.61 10.05 -14.86
CA PRO A 172 -22.20 11.01 -13.81
C PRO A 172 -20.95 10.62 -13.04
N VAL A 173 -20.66 9.32 -12.90
CA VAL A 173 -19.40 8.96 -12.26
C VAL A 173 -18.25 9.41 -13.13
N ARG A 174 -18.33 9.17 -14.45
CA ARG A 174 -17.29 9.62 -15.36
C ARG A 174 -17.15 11.15 -15.33
N LEU A 175 -18.28 11.86 -15.39
CA LEU A 175 -18.23 13.31 -15.33
C LEU A 175 -17.62 13.78 -14.02
N GLY A 176 -17.93 13.08 -12.91
CA GLY A 176 -17.33 13.44 -11.64
C GLY A 176 -15.82 13.24 -11.60
N LEU A 177 -15.35 12.10 -12.12
CA LEU A 177 -13.91 11.83 -12.15
C LEU A 177 -13.15 12.83 -13.02
N GLU A 178 -13.81 13.33 -14.05
CA GLU A 178 -13.19 14.27 -14.98
C GLU A 178 -13.33 15.71 -14.53
N GLY A 179 -14.18 15.97 -13.53
CA GLY A 179 -14.46 17.34 -13.17
C GLY A 179 -15.22 18.09 -14.21
N SER A 180 -15.95 17.40 -15.07
CA SER A 180 -16.67 18.04 -16.16
C SER A 180 -18.17 18.06 -15.92
N GLU A 181 -18.62 17.87 -14.67
CA GLU A 181 -20.06 17.92 -14.42
C GLU A 181 -20.61 19.31 -14.74
N ASP A 182 -21.87 19.34 -15.16
CA ASP A 182 -22.60 20.58 -15.34
C ASP A 182 -23.63 20.69 -14.24
N LEU A 183 -23.38 21.57 -13.28
CA LEU A 183 -24.29 21.73 -12.16
C LEU A 183 -25.30 22.84 -12.40
N ALA A 184 -25.25 23.48 -13.57
CA ALA A 184 -26.21 24.54 -13.86
C ALA A 184 -27.63 24.00 -13.77
N GLY A 185 -28.49 24.73 -13.09
CA GLY A 185 -29.87 24.33 -12.90
C GLY A 185 -30.12 23.22 -11.92
N THR A 186 -29.11 22.73 -11.22
CA THR A 186 -29.30 21.67 -10.24
C THR A 186 -29.18 22.25 -8.83
N SER A 187 -29.62 21.45 -7.86
CA SER A 187 -29.43 21.79 -6.46
C SER A 187 -27.97 22.03 -6.07
N TYR A 188 -27.02 21.54 -6.84
CA TYR A 188 -25.61 21.64 -6.48
C TYR A 188 -24.96 22.94 -6.92
N ALA A 189 -25.62 23.75 -7.75
CA ALA A 189 -24.97 24.96 -8.25
C ALA A 189 -24.59 25.92 -7.12
N ALA A 190 -25.40 26.00 -6.06
CA ALA A 190 -25.01 26.87 -4.95
C ALA A 190 -23.74 26.38 -4.25
N ASP A 191 -23.47 25.08 -4.30
CA ASP A 191 -22.24 24.57 -3.71
C ASP A 191 -20.99 24.99 -4.50
N GLU A 192 -21.10 25.17 -5.83
CA GLU A 192 -19.90 25.32 -6.65
C GLU A 192 -19.39 26.75 -6.66
N LEU A 193 -18.09 26.90 -6.52
CA LEU A 193 -17.43 28.19 -6.42
C LEU A 193 -16.30 28.24 -7.44
N PRO A 194 -16.62 28.60 -8.67
CA PRO A 194 -15.56 28.68 -9.70
C PRO A 194 -14.50 29.68 -9.30
N ALA A 195 -13.25 29.36 -9.64
CA ALA A 195 -12.11 30.11 -9.11
C ALA A 195 -12.18 31.59 -9.48
N ASP A 196 -12.71 31.93 -10.65
CA ASP A 196 -12.75 33.31 -11.12
C ASP A 196 -13.84 34.15 -10.47
N VAL A 197 -14.75 33.58 -9.66
CA VAL A 197 -15.73 34.43 -8.98
C VAL A 197 -15.71 34.16 -7.48
N ALA A 198 -14.75 33.37 -7.02
CA ALA A 198 -14.66 33.04 -5.61
C ALA A 198 -14.11 34.22 -4.83
N THR A 199 -14.70 34.47 -3.66
CA THR A 199 -14.23 35.51 -2.75
C THR A 199 -13.97 34.90 -1.37
N LEU A 200 -13.16 35.60 -0.58
CA LEU A 200 -12.74 35.16 0.75
C LEU A 200 -13.01 36.23 1.80
N TRP A 201 -13.67 35.85 2.89
CA TRP A 201 -14.13 36.78 3.90
C TRP A 201 -13.52 36.43 5.25
N PHE A 202 -13.16 37.46 6.03
CA PHE A 202 -12.58 37.30 7.36
C PHE A 202 -13.24 38.31 8.28
N ALA A 203 -13.73 37.85 9.41
CA ALA A 203 -14.38 38.71 10.41
C ALA A 203 -15.47 39.59 9.80
N GLY A 204 -16.27 39.01 8.91
CA GLY A 204 -17.40 39.73 8.37
C GLY A 204 -17.08 40.75 7.31
N LYS A 205 -15.87 40.73 6.76
CA LYS A 205 -15.47 41.64 5.69
C LYS A 205 -14.76 40.86 4.58
N GLN A 206 -14.90 41.35 3.35
CA GLN A 206 -14.29 40.67 2.21
C GLN A 206 -12.83 41.08 2.14
N MET A 207 -11.96 40.09 2.06
CA MET A 207 -10.56 40.39 1.87
C MET A 207 -10.29 40.78 0.43
N ALA A 208 -9.41 41.74 0.25
CA ALA A 208 -9.12 42.23 -1.09
C ALA A 208 -8.14 41.28 -1.77
N PRO A 209 -8.43 40.82 -2.99
CA PRO A 209 -7.55 39.81 -3.62
C PRO A 209 -6.10 40.28 -3.77
N GLU A 210 -5.87 41.57 -4.01
CA GLU A 210 -4.52 42.07 -4.26
C GLU A 210 -3.63 42.02 -3.02
N LYS A 211 -4.23 42.09 -1.82
CA LYS A 211 -3.51 42.17 -0.57
C LYS A 211 -2.94 40.80 -0.16
N LYS A 212 -2.07 40.81 0.85
CA LYS A 212 -1.53 39.59 1.42
C LYS A 212 -2.39 39.15 2.60
N LEU A 213 -2.36 37.85 2.90
CA LEU A 213 -3.11 37.33 4.05
C LEU A 213 -2.67 38.01 5.33
N SER A 214 -1.36 38.28 5.46
CA SER A 214 -0.84 39.00 6.62
C SER A 214 -1.48 40.39 6.78
N ASP A 215 -1.89 41.04 5.67
CA ASP A 215 -2.51 42.37 5.80
C ASP A 215 -3.77 42.32 6.66
N TYR A 216 -4.35 41.15 6.84
CA TYR A 216 -5.53 40.99 7.68
C TYR A 216 -5.26 40.20 8.94
N LEU A 217 -4.26 39.32 8.95
CA LEU A 217 -4.08 38.35 10.01
C LEU A 217 -2.78 38.51 10.79
N GLY A 218 -1.92 39.43 10.38
CA GLY A 218 -0.65 39.59 11.05
C GLY A 218 0.42 38.66 10.49
N ARG A 219 1.68 39.01 10.79
CA ARG A 219 2.79 38.20 10.35
C ARG A 219 3.03 37.01 11.28
N HIS A 220 2.45 37.03 12.49
CA HIS A 220 2.54 35.89 13.39
C HIS A 220 1.40 35.99 14.39
N GLU A 221 0.51 35.02 14.37
CA GLU A 221 -0.54 34.88 15.37
C GLU A 221 -0.65 33.40 15.67
N LYS A 222 -0.71 33.06 16.96
CA LYS A 222 -0.80 31.65 17.31
C LYS A 222 -2.16 31.06 16.97
N THR A 223 -3.21 31.88 16.90
CA THR A 223 -4.53 31.36 16.61
C THR A 223 -4.74 31.15 15.11
N LYS A 224 -5.45 30.09 14.79
CA LYS A 224 -6.03 29.95 13.48
C LYS A 224 -6.94 31.15 13.19
N ALA A 225 -7.36 31.25 11.94
CA ALA A 225 -8.25 32.31 11.49
C ALA A 225 -9.40 31.63 10.77
N VAL A 226 -10.62 31.89 11.24
CA VAL A 226 -11.82 31.43 10.55
C VAL A 226 -12.08 32.36 9.37
N VAL A 227 -12.24 31.79 8.19
CA VAL A 227 -12.57 32.54 6.98
C VAL A 227 -13.75 31.84 6.30
N LYS A 228 -14.28 32.48 5.26
CA LYS A 228 -15.42 31.90 4.58
C LYS A 228 -15.34 32.17 3.10
N LEU A 229 -15.41 31.11 2.28
CA LEU A 229 -15.50 31.27 0.83
C LEU A 229 -16.93 31.59 0.47
N GLN A 230 -17.08 32.57 -0.43
CA GLN A 230 -18.34 32.97 -1.02
C GLN A 230 -18.04 33.24 -2.49
N LYS A 231 -19.06 33.58 -3.26
CA LYS A 231 -18.83 33.98 -4.64
C LYS A 231 -19.30 35.40 -4.86
N LYS A 232 -18.67 36.06 -5.85
CA LYS A 232 -18.99 37.44 -6.16
C LYS A 232 -20.50 37.61 -6.27
N GLY A 233 -21.02 38.59 -5.52
CA GLY A 233 -22.42 38.91 -5.54
C GLY A 233 -23.20 38.47 -4.33
N GLN A 234 -22.54 38.28 -3.19
CA GLN A 234 -23.19 37.87 -1.95
C GLN A 234 -22.78 38.83 -0.83
N GLY A 235 -23.47 38.70 0.31
CA GLY A 235 -23.06 39.38 1.52
C GLY A 235 -22.41 38.42 2.50
N ALA A 236 -22.69 38.56 3.80
CA ALA A 236 -22.22 37.58 4.79
C ALA A 236 -23.39 37.01 5.57
N GLY B 20 -7.32 -21.38 -7.07
CA GLY B 20 -7.41 -20.43 -5.98
C GLY B 20 -8.79 -19.81 -5.79
N HIS B 21 -9.65 -20.50 -5.03
CA HIS B 21 -10.98 -20.03 -4.69
C HIS B 21 -10.96 -19.36 -3.32
N MET B 22 -11.89 -18.42 -3.12
CA MET B 22 -11.95 -17.66 -1.87
C MET B 22 -13.19 -18.07 -1.08
N VAL B 23 -13.08 -18.01 0.24
CA VAL B 23 -14.20 -18.30 1.13
C VAL B 23 -14.38 -17.12 2.08
N LEU B 24 -15.64 -16.78 2.38
CA LEU B 24 -15.97 -15.78 3.37
C LEU B 24 -16.33 -16.47 4.69
N LEU B 25 -15.49 -16.28 5.70
CA LEU B 25 -15.76 -16.84 7.01
C LEU B 25 -16.47 -15.81 7.90
N HIS B 26 -17.44 -16.30 8.69
CA HIS B 26 -18.20 -15.49 9.65
C HIS B 26 -17.93 -16.05 11.05
N MET B 27 -16.97 -15.47 11.77
CA MET B 27 -16.69 -15.85 13.15
C MET B 27 -17.76 -15.25 14.05
N LYS B 28 -18.53 -16.12 14.73
CA LYS B 28 -19.59 -15.65 15.62
C LYS B 28 -19.42 -16.31 16.98
N ARG B 29 -19.07 -15.51 17.98
CA ARG B 29 -19.03 -15.97 19.37
C ARG B 29 -20.25 -15.50 20.15
N SER B 30 -20.82 -14.36 19.73
CA SER B 30 -22.02 -13.76 20.27
C SER B 30 -22.43 -12.70 19.27
N GLU B 31 -23.55 -12.02 19.53
CA GLU B 31 -24.00 -11.00 18.61
C GLU B 31 -23.20 -9.72 18.74
N LEU B 32 -22.44 -9.55 19.83
CA LEU B 32 -21.49 -8.45 19.94
C LEU B 32 -20.06 -8.86 19.61
N ASP B 33 -19.74 -10.15 19.67
CA ASP B 33 -18.41 -10.68 19.42
C ASP B 33 -18.43 -11.44 18.09
N GLN B 34 -18.24 -10.72 16.98
CA GLN B 34 -18.36 -11.37 15.68
C GLN B 34 -17.69 -10.53 14.60
N PHE B 35 -17.19 -11.19 13.56
CA PHE B 35 -16.60 -10.49 12.42
C PHE B 35 -16.56 -11.44 11.24
N LEU B 36 -16.33 -10.85 10.07
CA LEU B 36 -16.16 -11.56 8.82
C LEU B 36 -14.67 -11.62 8.49
N PHE B 37 -14.28 -12.68 7.80
CA PHE B 37 -12.88 -12.84 7.46
C PHE B 37 -12.77 -13.62 6.16
N GLU B 38 -11.88 -13.18 5.29
CA GLU B 38 -11.72 -13.74 3.96
C GLU B 38 -10.34 -14.36 3.78
N THR B 39 -10.30 -15.55 3.17
CA THR B 39 -9.05 -16.22 2.85
C THR B 39 -9.30 -17.21 1.72
N THR B 40 -8.22 -17.83 1.24
CA THR B 40 -8.33 -18.87 0.23
C THR B 40 -8.75 -20.19 0.88
N VAL B 41 -9.75 -20.83 0.30
CA VAL B 41 -10.26 -22.07 0.87
C VAL B 41 -9.24 -23.20 0.87
N ALA B 42 -8.15 -23.06 0.12
CA ALA B 42 -7.07 -24.04 0.19
C ALA B 42 -6.19 -23.86 1.41
N SER B 43 -6.42 -22.84 2.24
CA SER B 43 -5.52 -22.62 3.36
C SER B 43 -5.79 -23.64 4.47
N THR B 44 -4.75 -23.91 5.26
CA THR B 44 -4.91 -24.81 6.39
C THR B 44 -5.81 -24.20 7.45
N VAL B 45 -6.47 -25.08 8.20
CA VAL B 45 -7.22 -24.62 9.36
C VAL B 45 -6.32 -23.89 10.31
N ASP B 46 -5.09 -24.40 10.49
CA ASP B 46 -4.16 -23.84 11.45
C ASP B 46 -3.81 -22.38 11.15
N GLU B 47 -3.45 -22.08 9.90
CA GLU B 47 -3.07 -20.70 9.61
C GLU B 47 -4.28 -19.79 9.64
N THR B 48 -5.45 -20.31 9.26
CA THR B 48 -6.67 -19.53 9.35
C THR B 48 -7.05 -19.30 10.80
N THR B 49 -6.93 -20.33 11.63
CA THR B 49 -7.21 -20.14 13.05
C THR B 49 -6.27 -19.11 13.64
N ARG B 50 -4.99 -19.15 13.25
CA ARG B 50 -4.02 -18.21 13.80
C ARG B 50 -4.29 -16.79 13.34
N GLN B 51 -4.51 -16.58 12.04
CA GLN B 51 -4.78 -15.22 11.57
C GLN B 51 -6.05 -14.68 12.19
N MET B 52 -7.08 -15.52 12.33
CA MET B 52 -8.34 -15.04 12.88
C MET B 52 -8.24 -14.78 14.37
N ALA B 53 -7.38 -15.51 15.08
CA ALA B 53 -7.17 -15.17 16.48
C ALA B 53 -6.58 -13.78 16.63
N GLU B 54 -5.66 -13.40 15.73
CA GLU B 54 -5.07 -12.06 15.81
C GLU B 54 -6.10 -10.98 15.52
N VAL B 55 -7.00 -11.22 14.56
CA VAL B 55 -8.09 -10.27 14.30
C VAL B 55 -8.93 -10.12 15.55
N HIS B 56 -9.34 -11.26 16.14
CA HIS B 56 -10.15 -11.27 17.35
C HIS B 56 -9.50 -10.47 18.48
N ASN B 57 -8.20 -10.70 18.73
CA ASN B 57 -7.55 -10.01 19.84
C ASN B 57 -7.41 -8.52 19.55
N LEU B 58 -7.15 -8.17 18.29
CA LEU B 58 -7.10 -6.77 17.92
C LEU B 58 -8.45 -6.11 18.12
N ARG B 59 -9.54 -6.81 17.78
CA ARG B 59 -10.88 -6.23 17.97
C ARG B 59 -11.09 -5.81 19.42
N HIS B 60 -10.73 -6.69 20.36
CA HIS B 60 -10.96 -6.41 21.77
C HIS B 60 -9.98 -5.42 22.36
N ARG B 61 -8.74 -5.37 21.84
CA ARG B 61 -7.83 -4.27 22.19
C ARG B 61 -8.45 -2.92 21.86
N ILE B 62 -9.04 -2.80 20.67
CA ILE B 62 -9.58 -1.51 20.24
C ILE B 62 -10.76 -1.10 21.11
N GLU B 63 -11.64 -2.05 21.45
CA GLU B 63 -12.74 -1.74 22.38
C GLU B 63 -12.21 -1.24 23.73
N ARG B 64 -11.14 -1.85 24.23
CA ARG B 64 -10.58 -1.38 25.50
C ARG B 64 -9.91 -0.02 25.33
N LEU B 65 -9.25 0.20 24.18
CA LEU B 65 -8.64 1.49 23.89
C LEU B 65 -9.68 2.61 23.84
N LYS B 66 -10.90 2.29 23.43
CA LYS B 66 -11.91 3.34 23.31
C LYS B 66 -12.37 3.81 24.68
N ALA B 67 -12.69 2.86 25.58
CA ALA B 67 -13.11 3.24 26.91
C ALA B 67 -12.02 4.00 27.64
N GLU B 68 -10.77 3.51 27.55
CA GLU B 68 -9.66 4.13 28.25
C GLU B 68 -9.19 5.40 27.56
N GLY B 69 -9.20 5.40 26.22
CA GLY B 69 -8.80 6.59 25.48
C GLY B 69 -9.72 7.75 25.75
N GLU B 70 -11.01 7.46 25.90
CA GLU B 70 -11.95 8.53 26.18
C GLU B 70 -11.78 9.07 27.59
N GLU B 71 -11.42 8.20 28.55
CA GLU B 71 -11.05 8.70 29.87
C GLU B 71 -9.78 9.52 29.80
N LEU B 72 -8.81 9.08 29.01
CA LEU B 72 -7.59 9.86 28.84
C LEU B 72 -7.90 11.21 28.22
N ALA B 73 -8.85 11.25 27.28
CA ALA B 73 -9.24 12.49 26.65
C ALA B 73 -9.82 13.47 27.68
N LYS B 74 -10.66 12.97 28.60
CA LYS B 74 -11.28 13.85 29.57
C LYS B 74 -10.38 14.17 30.77
N HIS B 75 -9.50 13.24 31.19
CA HIS B 75 -8.89 13.36 32.51
C HIS B 75 -7.37 13.17 32.54
N GLY B 76 -6.72 13.02 31.40
CA GLY B 76 -5.29 12.90 31.40
C GLY B 76 -4.78 11.52 31.81
N PRO B 77 -3.50 11.46 32.13
CA PRO B 77 -2.81 10.17 32.30
C PRO B 77 -3.28 9.41 33.54
N ALA B 78 -3.07 8.09 33.51
CA ALA B 78 -3.45 7.25 34.63
C ALA B 78 -2.55 7.50 35.84
N LYS B 79 -3.15 7.53 37.02
CA LYS B 79 -2.37 7.38 38.25
C LYS B 79 -1.76 6.00 38.29
N ARG B 80 -0.63 5.88 38.96
CA ARG B 80 -0.06 4.57 39.17
C ARG B 80 -1.10 3.72 39.90
N PRO B 81 -1.26 2.44 39.54
CA PRO B 81 -2.41 1.67 40.06
C PRO B 81 -2.50 1.58 41.58
N ASP B 82 -1.39 1.65 42.30
CA ASP B 82 -1.46 1.57 43.75
C ASP B 82 -1.77 2.92 44.38
N GLN B 83 -1.84 3.98 43.59
CA GLN B 83 -1.98 5.34 44.08
C GLN B 83 -3.28 5.96 43.60
N GLN B 84 -4.32 5.14 43.49
CA GLN B 84 -5.59 5.63 42.99
C GLN B 84 -6.39 6.28 44.10
N GLY B 85 -7.33 7.09 43.71
CA GLY B 85 -8.19 7.76 44.67
C GLY B 85 -8.73 9.06 44.10
N ILE B 86 -9.92 9.41 44.55
CA ILE B 86 -10.55 10.62 44.07
C ILE B 86 -9.85 11.83 44.69
N ASP B 87 -9.54 12.82 43.84
CA ASP B 87 -8.64 13.90 44.23
C ASP B 87 -9.10 14.59 45.51
N ARG B 88 -10.41 14.80 45.65
CA ARG B 88 -10.96 15.50 46.80
C ARG B 88 -10.52 14.90 48.13
N TYR B 89 -10.41 13.57 48.19
CA TYR B 89 -10.13 12.86 49.43
C TYR B 89 -8.61 12.73 49.63
N GLN B 90 -7.99 13.86 49.93
CA GLN B 90 -6.53 13.94 50.09
C GLN B 90 -6.12 15.27 50.72
N PRO B 93 -3.76 17.35 48.71
CA PRO B 93 -3.56 18.55 47.87
C PRO B 93 -2.98 18.16 46.50
N VAL B 94 -3.70 18.46 45.42
CA VAL B 94 -3.40 17.97 44.08
C VAL B 94 -2.95 19.10 43.17
N GLU B 95 -2.01 18.78 42.28
CA GLU B 95 -1.50 19.75 41.31
C GLU B 95 -2.48 19.85 40.15
N LYS B 96 -3.15 21.00 40.04
CA LYS B 96 -4.17 21.22 39.01
C LYS B 96 -3.54 21.98 37.85
N GLY B 97 -3.51 21.36 36.67
CA GLY B 97 -2.95 21.97 35.48
C GLY B 97 -3.96 22.87 34.80
N PRO B 98 -3.59 23.40 33.62
CA PRO B 98 -4.49 24.33 32.91
C PRO B 98 -5.87 23.75 32.64
N ASN B 99 -5.95 22.49 32.22
CA ASN B 99 -7.22 21.87 31.85
C ASN B 99 -7.70 20.86 32.87
N TYR B 100 -7.42 21.10 34.16
CA TYR B 100 -7.72 20.11 35.18
C TYR B 100 -9.21 19.77 35.21
N ALA B 101 -9.51 18.48 35.26
CA ALA B 101 -10.90 18.02 35.30
C ALA B 101 -10.91 16.77 36.17
N GLU B 102 -11.39 16.91 37.41
CA GLU B 102 -11.31 15.84 38.39
C GLU B 102 -11.98 14.57 37.89
N ASP B 103 -11.23 13.48 37.87
CA ASP B 103 -11.74 12.18 37.49
C ASP B 103 -12.67 11.67 38.58
N PRO B 104 -13.97 11.51 38.32
CA PRO B 104 -14.87 11.01 39.38
C PRO B 104 -14.57 9.59 39.81
N THR B 105 -13.83 8.81 39.02
CA THR B 105 -13.41 7.48 39.41
C THR B 105 -12.05 7.46 40.08
N GLY B 106 -11.38 8.61 40.17
CA GLY B 106 -10.10 8.68 40.84
C GLY B 106 -8.99 7.89 40.18
N ARG B 107 -9.14 7.52 38.89
CA ARG B 107 -8.13 6.67 38.26
C ARG B 107 -7.08 7.45 37.48
N ARG B 108 -7.38 8.67 37.05
CA ARG B 108 -6.44 9.47 36.27
C ARG B 108 -6.20 10.81 36.96
N THR B 109 -5.08 11.46 36.62
CA THR B 109 -4.66 12.61 37.41
C THR B 109 -5.59 13.81 37.26
N GLY B 110 -6.38 13.88 36.19
CA GLY B 110 -7.20 15.03 35.94
C GLY B 110 -6.55 16.06 35.04
N ASN B 111 -5.24 16.00 34.86
CA ASN B 111 -4.52 17.01 34.09
C ASN B 111 -4.51 16.60 32.62
N ALA B 112 -5.69 16.75 32.01
CA ALA B 112 -5.93 16.43 30.62
C ALA B 112 -5.33 17.51 29.72
N CYS B 113 -5.07 17.14 28.47
CA CYS B 113 -4.71 18.10 27.43
C CYS B 113 -5.82 19.13 27.20
N ASP B 114 -5.56 20.11 26.33
CA ASP B 114 -6.63 21.04 25.97
C ASP B 114 -7.79 20.32 25.30
N PRO B 115 -9.04 20.68 25.63
CA PRO B 115 -10.20 19.88 25.17
C PRO B 115 -10.43 19.91 23.66
N GLU B 116 -9.96 20.95 22.97
CA GLU B 116 -10.17 20.95 21.52
C GLU B 116 -9.11 20.11 20.83
N VAL B 117 -7.90 20.00 21.41
CA VAL B 117 -6.94 19.04 20.90
C VAL B 117 -7.34 17.61 21.29
N ALA B 118 -8.11 17.46 22.38
CA ALA B 118 -8.65 16.16 22.75
C ALA B 118 -9.53 15.58 21.65
N LYS B 119 -10.16 16.45 20.85
CA LYS B 119 -11.03 15.95 19.80
C LYS B 119 -10.26 15.13 18.78
N VAL B 120 -8.97 15.36 18.62
CA VAL B 120 -8.18 14.53 17.72
C VAL B 120 -8.19 13.10 18.20
N LEU B 121 -7.98 12.93 19.51
CA LEU B 121 -8.01 11.60 20.10
C LEU B 121 -9.39 11.00 20.04
N VAL B 122 -10.41 11.77 20.43
CA VAL B 122 -11.77 11.25 20.50
C VAL B 122 -12.26 10.79 19.13
N LYS B 123 -11.93 11.54 18.08
CA LYS B 123 -12.43 11.18 16.76
C LYS B 123 -11.69 9.97 16.24
N THR B 124 -10.39 9.89 16.52
CA THR B 124 -9.61 8.75 16.06
C THR B 124 -10.05 7.45 16.74
N LEU B 125 -10.45 7.53 18.02
CA LEU B 125 -10.95 6.33 18.70
C LEU B 125 -12.26 5.85 18.08
N GLU B 126 -13.16 6.79 17.74
CA GLU B 126 -14.41 6.40 17.11
C GLU B 126 -14.15 5.75 15.77
N GLU B 127 -13.16 6.24 15.03
CA GLU B 127 -12.84 5.63 13.75
C GLU B 127 -12.33 4.21 13.93
N ALA B 128 -11.46 4.01 14.93
CA ALA B 128 -10.91 2.68 15.18
C ALA B 128 -12.00 1.71 15.60
N VAL B 129 -12.87 2.14 16.51
CA VAL B 129 -13.99 1.30 16.90
C VAL B 129 -14.85 0.95 15.70
N ALA B 130 -15.09 1.93 14.83
CA ALA B 130 -15.93 1.68 13.65
C ALA B 130 -15.31 0.63 12.74
N VAL B 131 -13.98 0.68 12.57
CA VAL B 131 -13.30 -0.29 11.73
C VAL B 131 -13.58 -1.72 12.17
N ALA B 132 -13.60 -1.94 13.50
CA ALA B 132 -13.72 -3.29 14.06
C ALA B 132 -15.12 -3.62 14.54
N HIS B 133 -16.08 -2.72 14.38
CA HIS B 133 -17.35 -2.92 15.05
C HIS B 133 -18.08 -4.14 14.49
N LYS B 134 -18.91 -4.76 15.35
CA LYS B 134 -19.75 -5.87 14.93
C LYS B 134 -20.64 -5.50 13.75
N ASP B 135 -20.99 -4.21 13.63
CA ASP B 135 -21.81 -3.71 12.55
C ASP B 135 -21.19 -3.99 11.18
N GLN B 136 -19.88 -4.20 11.11
CA GLN B 136 -19.27 -4.51 9.82
C GLN B 136 -19.75 -5.85 9.27
N VAL B 137 -20.28 -6.72 10.13
CA VAL B 137 -20.82 -7.98 9.62
C VAL B 137 -22.06 -7.71 8.77
N ALA B 138 -22.98 -6.88 9.29
CA ALA B 138 -24.16 -6.52 8.52
C ALA B 138 -23.79 -5.82 7.22
N LYS B 139 -22.75 -4.99 7.25
CA LYS B 139 -22.27 -4.29 6.07
C LYS B 139 -21.46 -5.18 5.12
N LYS B 140 -21.43 -6.49 5.36
CA LYS B 140 -20.63 -7.45 4.56
C LYS B 140 -19.19 -6.98 4.33
N MET B 141 -18.52 -6.58 5.40
CA MET B 141 -17.15 -6.10 5.30
C MET B 141 -16.16 -6.98 6.07
N PRO B 142 -15.30 -7.74 5.39
CA PRO B 142 -14.32 -8.56 6.11
C PRO B 142 -13.24 -7.70 6.72
N LEU B 143 -12.82 -8.06 7.94
CA LEU B 143 -11.75 -7.36 8.63
C LEU B 143 -10.40 -8.00 8.29
N THR B 144 -9.35 -7.17 8.30
CA THR B 144 -8.00 -7.66 8.08
C THR B 144 -7.10 -7.23 9.24
N ILE B 145 -6.04 -8.02 9.46
CA ILE B 145 -5.06 -7.65 10.49
C ILE B 145 -4.47 -6.28 10.17
N LYS B 146 -4.25 -6.00 8.89
CA LYS B 146 -3.54 -4.78 8.52
C LYS B 146 -4.40 -3.54 8.75
N ALA B 147 -5.71 -3.62 8.46
CA ALA B 147 -6.57 -2.47 8.71
C ALA B 147 -6.73 -2.24 10.21
N LEU B 148 -6.87 -3.31 10.99
CA LEU B 148 -7.01 -3.14 12.42
C LEU B 148 -5.73 -2.59 13.05
N GLN B 149 -4.56 -3.07 12.64
CA GLN B 149 -3.33 -2.47 13.14
C GLN B 149 -3.17 -1.02 12.66
N GLU B 150 -3.69 -0.69 11.47
CA GLU B 150 -3.63 0.70 11.02
C GLU B 150 -4.47 1.59 11.91
N ALA B 151 -5.65 1.12 12.33
CA ALA B 151 -6.46 1.95 13.22
C ALA B 151 -5.74 2.15 14.55
N VAL B 152 -5.06 1.11 15.04
CA VAL B 152 -4.32 1.25 16.29
C VAL B 152 -3.19 2.27 16.13
N ASP B 153 -2.48 2.23 14.99
CA ASP B 153 -1.40 3.20 14.77
C ASP B 153 -1.94 4.62 14.75
N ASN B 154 -3.12 4.81 14.18
CA ASN B 154 -3.72 6.15 14.15
C ASN B 154 -4.03 6.64 15.55
N VAL B 155 -4.51 5.73 16.41
CA VAL B 155 -4.72 6.10 17.81
C VAL B 155 -3.40 6.45 18.48
N ARG B 156 -2.33 5.72 18.16
CA ARG B 156 -1.02 6.07 18.69
C ARG B 156 -0.63 7.49 18.29
N GLY B 157 -0.85 7.85 17.02
CA GLY B 157 -0.53 9.19 16.56
C GLY B 157 -1.36 10.27 17.24
N ALA B 158 -2.66 10.03 17.38
CA ALA B 158 -3.48 10.98 18.11
C ALA B 158 -3.01 11.11 19.56
N VAL B 159 -2.66 9.97 20.17
CA VAL B 159 -2.22 10.03 21.56
C VAL B 159 -1.00 10.89 21.69
N MET B 160 -0.10 10.81 20.72
CA MET B 160 1.09 11.62 20.94
C MET B 160 0.95 13.06 20.46
N ILE B 161 -0.08 13.39 19.70
CA ILE B 161 -0.38 14.80 19.48
C ILE B 161 -0.91 15.42 20.77
N CYS B 162 -1.72 14.68 21.53
CA CYS B 162 -2.33 15.25 22.72
C CYS B 162 -1.47 15.15 23.96
N TYR B 163 -0.58 14.17 24.06
CA TYR B 163 0.28 14.04 25.24
C TYR B 163 1.71 13.82 24.74
N PRO B 164 2.33 14.88 24.22
CA PRO B 164 3.67 14.73 23.62
C PRO B 164 4.73 14.30 24.60
N MET B 165 4.52 14.56 25.91
CA MET B 165 5.42 14.06 26.94
C MET B 165 5.33 12.54 27.09
N GLY B 166 4.29 11.92 26.53
CA GLY B 166 4.12 10.49 26.63
C GLY B 166 3.30 10.07 27.83
N LEU B 167 2.91 8.81 27.80
CA LEU B 167 2.13 8.27 28.90
C LEU B 167 3.00 7.44 29.83
N PRO B 168 2.65 7.38 31.11
CA PRO B 168 3.39 6.50 32.01
C PRO B 168 3.24 5.04 31.59
N GLU B 169 4.16 4.19 32.09
CA GLU B 169 4.21 2.80 31.65
C GLU B 169 2.96 2.03 32.03
N TRP B 170 2.28 2.42 33.10
CA TRP B 170 1.13 1.67 33.59
C TRP B 170 -0.18 2.13 32.96
N ASP B 171 -0.18 3.18 32.14
CA ASP B 171 -1.44 3.71 31.61
C ASP B 171 -2.05 2.66 30.69
N PRO B 172 -3.28 2.21 30.94
CA PRO B 172 -3.88 1.20 30.04
C PRO B 172 -3.92 1.63 28.57
N VAL B 173 -3.95 2.94 28.27
CA VAL B 173 -3.87 3.36 26.87
C VAL B 173 -2.51 2.98 26.29
N ARG B 174 -1.44 3.27 27.03
CA ARG B 174 -0.11 2.89 26.55
C ARG B 174 -0.02 1.39 26.38
N LEU B 175 -0.50 0.63 27.37
CA LEU B 175 -0.47 -0.83 27.29
C LEU B 175 -1.33 -1.35 26.14
N GLY B 176 -2.48 -0.72 25.90
CA GLY B 176 -3.30 -1.13 24.76
C GLY B 176 -2.59 -0.91 23.44
N LEU B 177 -1.95 0.25 23.27
CA LEU B 177 -1.19 0.55 22.07
C LEU B 177 -0.01 -0.41 21.90
N GLU B 178 0.59 -0.85 22.99
CA GLU B 178 1.74 -1.75 22.91
C GLU B 178 1.33 -3.21 22.88
N GLY B 179 0.07 -3.55 23.15
CA GLY B 179 -0.33 -4.93 23.27
C GLY B 179 0.23 -5.68 24.47
N SER B 180 0.60 -4.97 25.54
CA SER B 180 1.23 -5.57 26.71
C SER B 180 0.31 -5.60 27.94
N GLU B 181 -1.01 -5.53 27.75
CA GLU B 181 -1.94 -5.62 28.89
C GLU B 181 -1.89 -6.99 29.56
N ASP B 182 -2.22 -7.05 30.88
CA ASP B 182 -2.59 -8.29 31.60
C ASP B 182 -4.09 -8.39 31.75
N LEU B 183 -4.67 -9.34 31.01
CA LEU B 183 -6.08 -9.55 31.14
C LEU B 183 -6.38 -10.67 32.12
N ALA B 184 -5.35 -11.33 32.66
CA ALA B 184 -5.57 -12.36 33.67
C ALA B 184 -6.20 -11.73 34.91
N GLY B 185 -7.23 -12.38 35.43
CA GLY B 185 -7.95 -11.84 36.57
C GLY B 185 -8.91 -10.72 36.25
N THR B 186 -9.11 -10.40 34.96
CA THR B 186 -10.02 -9.34 34.53
C THR B 186 -11.25 -9.93 33.85
N SER B 187 -12.26 -9.07 33.65
CA SER B 187 -13.41 -9.44 32.83
C SER B 187 -12.99 -9.83 31.42
N TYR B 188 -11.85 -9.35 30.97
CA TYR B 188 -11.37 -9.51 29.60
C TYR B 188 -10.59 -10.80 29.38
N ALA B 189 -10.28 -11.55 30.44
CA ALA B 189 -9.43 -12.72 30.28
C ALA B 189 -10.06 -13.75 29.34
N ALA B 190 -11.38 -13.92 29.42
CA ALA B 190 -12.03 -14.85 28.52
C ALA B 190 -11.98 -14.35 27.07
N ASP B 191 -11.84 -13.03 26.89
CA ASP B 191 -11.76 -12.45 25.55
C ASP B 191 -10.47 -12.83 24.85
N GLU B 192 -9.41 -13.10 25.60
CA GLU B 192 -8.10 -13.27 24.99
C GLU B 192 -7.97 -14.70 24.49
N LEU B 193 -7.52 -14.85 23.25
CA LEU B 193 -7.40 -16.14 22.59
C LEU B 193 -5.98 -16.21 22.06
N PRO B 194 -5.02 -16.63 22.87
CA PRO B 194 -3.65 -16.72 22.38
C PRO B 194 -3.61 -17.68 21.20
N ALA B 195 -2.82 -17.32 20.19
CA ALA B 195 -2.86 -18.09 18.95
C ALA B 195 -2.50 -19.56 19.19
N ASP B 196 -1.67 -19.83 20.19
CA ASP B 196 -1.16 -21.17 20.45
C ASP B 196 -2.19 -22.11 21.09
N VAL B 197 -3.34 -21.61 21.54
CA VAL B 197 -4.35 -22.49 22.11
C VAL B 197 -5.71 -22.26 21.46
N ALA B 198 -5.73 -21.47 20.39
CA ALA B 198 -6.98 -21.18 19.70
C ALA B 198 -7.41 -22.36 18.84
N THR B 199 -8.70 -22.68 18.91
CA THR B 199 -9.30 -23.69 18.06
C THR B 199 -10.44 -23.06 17.26
N LEU B 200 -10.78 -23.71 16.14
CA LEU B 200 -11.80 -23.21 15.21
C LEU B 200 -12.86 -24.28 15.00
N TRP B 201 -14.12 -23.89 15.18
CA TRP B 201 -15.25 -24.81 15.21
C TRP B 201 -16.22 -24.47 14.09
N PHE B 202 -16.75 -25.52 13.44
CA PHE B 202 -17.69 -25.39 12.32
C PHE B 202 -18.80 -26.42 12.45
N ALA B 203 -20.05 -25.98 12.28
CA ALA B 203 -21.20 -26.89 12.41
C ALA B 203 -21.12 -27.68 13.71
N GLY B 204 -20.73 -26.99 14.78
CA GLY B 204 -20.70 -27.57 16.12
C GLY B 204 -19.58 -28.54 16.39
N LYS B 205 -18.57 -28.60 15.51
CA LYS B 205 -17.44 -29.48 15.76
C LYS B 205 -16.12 -28.77 15.47
N GLN B 206 -15.06 -29.26 16.10
CA GLN B 206 -13.74 -28.67 15.96
C GLN B 206 -13.08 -29.15 14.67
N MET B 207 -12.63 -28.22 13.83
CA MET B 207 -11.87 -28.57 12.64
C MET B 207 -10.43 -28.95 13.00
N ALA B 208 -9.88 -29.91 12.28
CA ALA B 208 -8.52 -30.36 12.57
C ALA B 208 -7.51 -29.39 11.98
N PRO B 209 -6.55 -28.91 12.78
CA PRO B 209 -5.62 -27.88 12.29
C PRO B 209 -4.84 -28.26 11.04
N GLU B 210 -4.44 -29.53 10.93
CA GLU B 210 -3.61 -29.97 9.81
C GLU B 210 -4.34 -29.88 8.48
N LYS B 211 -5.68 -29.96 8.50
CA LYS B 211 -6.47 -30.04 7.28
C LYS B 211 -6.70 -28.67 6.61
N LYS B 212 -7.17 -28.73 5.36
CA LYS B 212 -7.48 -27.53 4.60
C LYS B 212 -8.94 -27.16 4.80
N LEU B 213 -9.24 -25.85 4.66
CA LEU B 213 -10.61 -25.39 4.82
C LEU B 213 -11.53 -26.06 3.83
N SER B 214 -11.04 -26.30 2.61
CA SER B 214 -11.83 -26.98 1.60
C SER B 214 -12.28 -28.37 2.08
N ASP B 215 -11.46 -29.05 2.91
CA ASP B 215 -11.87 -30.38 3.40
C ASP B 215 -13.17 -30.34 4.19
N TYR B 216 -13.58 -29.16 4.68
CA TYR B 216 -14.83 -29.05 5.42
C TYR B 216 -15.89 -28.25 4.68
N LEU B 217 -15.48 -27.35 3.78
CA LEU B 217 -16.41 -26.39 3.18
C LEU B 217 -16.55 -26.54 1.68
N GLY B 218 -15.80 -27.45 1.05
CA GLY B 218 -15.80 -27.68 -0.38
C GLY B 218 -14.84 -26.77 -1.11
N ARG B 219 -14.41 -27.22 -2.29
CA ARG B 219 -13.49 -26.48 -3.13
C ARG B 219 -14.18 -25.53 -4.12
N HIS B 220 -15.46 -25.24 -3.92
CA HIS B 220 -16.20 -24.34 -4.84
C HIS B 220 -17.41 -23.71 -4.14
N LYS B 222 -16.23 -18.28 -3.64
CA LYS B 222 -17.66 -18.42 -3.73
C LYS B 222 -18.17 -19.54 -2.79
N THR B 223 -18.23 -19.21 -1.51
CA THR B 223 -18.79 -20.02 -0.43
C THR B 223 -18.74 -19.19 0.86
N LYS B 224 -19.75 -19.36 1.71
CA LYS B 224 -19.78 -18.72 3.03
C LYS B 224 -20.07 -19.75 4.11
N ALA B 225 -19.38 -19.59 5.25
CA ALA B 225 -19.48 -20.52 6.36
C ALA B 225 -19.36 -19.80 7.71
N VAL B 226 -20.30 -20.06 8.61
CA VAL B 226 -20.21 -19.59 9.99
C VAL B 226 -19.28 -20.51 10.78
N VAL B 227 -18.29 -19.92 11.46
CA VAL B 227 -17.37 -20.67 12.31
C VAL B 227 -17.25 -19.99 13.66
N LYS B 228 -16.53 -20.64 14.57
CA LYS B 228 -16.40 -20.14 15.92
C LYS B 228 -15.00 -20.38 16.47
N LEU B 229 -14.38 -19.31 16.98
CA LEU B 229 -13.11 -19.42 17.69
C LEU B 229 -13.33 -19.82 19.15
N GLN B 230 -12.51 -20.74 19.65
CA GLN B 230 -12.57 -21.18 21.04
C GLN B 230 -11.17 -21.43 21.55
N LYS B 231 -11.08 -21.74 22.85
CA LYS B 231 -9.82 -22.04 23.51
C LYS B 231 -9.80 -23.47 24.01
N LYS B 232 -8.62 -24.09 23.95
CA LYS B 232 -8.44 -25.47 24.39
C LYS B 232 -8.90 -25.64 25.84
N HIS C 21 -6.84 -6.09 -18.91
CA HIS C 21 -5.54 -6.47 -19.45
C HIS C 21 -4.53 -5.36 -19.19
N MET C 22 -3.31 -5.74 -18.87
CA MET C 22 -2.24 -4.83 -18.52
C MET C 22 -1.19 -4.85 -19.62
N VAL C 23 -0.48 -3.73 -19.76
CA VAL C 23 0.60 -3.62 -20.72
C VAL C 23 1.85 -3.14 -19.99
N LEU C 24 3.00 -3.70 -20.34
CA LEU C 24 4.29 -3.27 -19.80
C LEU C 24 4.98 -2.38 -20.82
N LEU C 25 5.08 -1.09 -20.53
CA LEU C 25 5.73 -0.14 -21.42
C LEU C 25 7.18 0.07 -21.00
N HIS C 26 8.06 0.12 -21.98
CA HIS C 26 9.48 0.34 -21.78
C HIS C 26 9.78 1.67 -22.48
N MET C 27 9.74 2.76 -21.71
CA MET C 27 10.17 4.07 -22.19
C MET C 27 11.68 4.05 -22.31
N LYS C 28 12.20 4.13 -23.53
CA LYS C 28 13.64 4.06 -23.76
C LYS C 28 14.05 5.28 -24.57
N ARG C 29 14.75 6.22 -23.92
CA ARG C 29 15.35 7.31 -24.66
C ARG C 29 16.83 7.11 -24.91
N SER C 30 17.50 6.37 -24.04
CA SER C 30 18.92 6.07 -24.16
C SER C 30 19.21 4.96 -23.15
N GLU C 31 20.49 4.55 -23.08
CA GLU C 31 20.83 3.44 -22.21
C GLU C 31 20.79 3.84 -20.73
N LEU C 32 20.93 5.12 -20.41
CA LEU C 32 20.68 5.53 -19.03
C LEU C 32 19.32 6.16 -18.82
N ASP C 33 18.69 6.66 -19.89
CA ASP C 33 17.41 7.37 -19.78
C ASP C 33 16.30 6.44 -20.25
N GLN C 34 15.85 5.58 -19.35
CA GLN C 34 14.88 4.55 -19.67
C GLN C 34 14.25 4.00 -18.40
N PHE C 35 13.01 3.54 -18.52
CA PHE C 35 12.34 2.92 -17.40
C PHE C 35 11.16 2.07 -17.89
N LEU C 36 10.65 1.22 -17.00
CA LEU C 36 9.45 0.43 -17.25
C LEU C 36 8.28 1.06 -16.52
N PHE C 37 7.09 0.90 -17.10
CA PHE C 37 5.88 1.47 -16.54
C PHE C 37 4.72 0.55 -16.89
N GLU C 38 3.84 0.31 -15.91
CA GLU C 38 2.73 -0.62 -16.05
C GLU C 38 1.42 0.15 -15.94
N THR C 39 0.49 -0.14 -16.84
CA THR C 39 -0.81 0.49 -16.77
C THR C 39 -1.80 -0.41 -17.51
N THR C 40 -3.07 -0.03 -17.47
CA THR C 40 -4.10 -0.76 -18.20
C THR C 40 -4.04 -0.38 -19.67
N VAL C 41 -4.00 -1.38 -20.55
CA VAL C 41 -3.91 -1.13 -21.98
C VAL C 41 -5.12 -0.36 -22.51
N ALA C 42 -6.19 -0.25 -21.74
CA ALA C 42 -7.34 0.57 -22.10
C ALA C 42 -7.15 2.06 -21.81
N SER C 43 -6.03 2.50 -21.22
CA SER C 43 -5.95 3.91 -20.85
C SER C 43 -5.67 4.77 -22.08
N THR C 44 -6.08 6.03 -21.98
CA THR C 44 -5.83 6.97 -23.07
C THR C 44 -4.32 7.18 -23.20
N VAL C 45 -3.90 7.48 -24.42
CA VAL C 45 -2.51 7.86 -24.63
C VAL C 45 -2.16 9.10 -23.81
N ASP C 46 -3.08 10.09 -23.79
CA ASP C 46 -2.83 11.34 -23.09
C ASP C 46 -2.56 11.11 -21.60
N GLU C 47 -3.42 10.32 -20.95
CA GLU C 47 -3.22 10.13 -19.52
C GLU C 47 -1.98 9.29 -19.22
N THR C 48 -1.63 8.36 -20.09
CA THR C 48 -0.38 7.64 -19.90
C THR C 48 0.81 8.55 -20.14
N THR C 49 0.73 9.39 -21.18
CA THR C 49 1.82 10.31 -21.47
C THR C 49 2.06 11.26 -20.30
N ARG C 50 0.99 11.76 -19.69
CA ARG C 50 1.14 12.63 -18.54
C ARG C 50 1.76 11.88 -17.36
N GLN C 51 1.24 10.70 -17.06
CA GLN C 51 1.78 9.92 -15.96
C GLN C 51 3.24 9.57 -16.20
N MET C 52 3.61 9.19 -17.42
CA MET C 52 5.01 8.85 -17.66
C MET C 52 5.90 10.11 -17.65
N ALA C 53 5.37 11.28 -18.05
CA ALA C 53 6.16 12.51 -17.96
C ALA C 53 6.48 12.83 -16.52
N GLU C 54 5.54 12.59 -15.60
CA GLU C 54 5.80 12.82 -14.19
C GLU C 54 6.84 11.84 -13.65
N VAL C 55 6.78 10.58 -14.08
CA VAL C 55 7.80 9.61 -13.69
C VAL C 55 9.16 10.03 -14.23
N HIS C 56 9.19 10.37 -15.52
CA HIS C 56 10.42 10.84 -16.16
C HIS C 56 11.02 12.04 -15.44
N ASN C 57 10.22 13.05 -15.12
CA ASN C 57 10.76 14.27 -14.51
C ASN C 57 11.33 13.99 -13.13
N LEU C 58 10.68 13.09 -12.38
CA LEU C 58 11.18 12.69 -11.06
C LEU C 58 12.53 11.98 -11.18
N ARG C 59 12.72 11.14 -12.20
CA ARG C 59 14.00 10.49 -12.39
C ARG C 59 15.12 11.52 -12.49
N HIS C 60 14.92 12.55 -13.31
CA HIS C 60 15.96 13.54 -13.50
C HIS C 60 16.06 14.50 -12.32
N ARG C 61 14.96 14.77 -11.63
CA ARG C 61 15.07 15.45 -10.35
C ARG C 61 15.98 14.66 -9.39
N ILE C 62 15.81 13.33 -9.33
CA ILE C 62 16.60 12.54 -8.38
C ILE C 62 18.08 12.55 -8.75
N GLU C 63 18.39 12.46 -10.05
CA GLU C 63 19.80 12.53 -10.44
C GLU C 63 20.43 13.85 -10.04
N ARG C 64 19.71 14.96 -10.23
CA ARG C 64 20.25 16.26 -9.85
C ARG C 64 20.30 16.38 -8.33
N LEU C 65 19.30 15.82 -7.66
CA LEU C 65 19.28 15.82 -6.20
C LEU C 65 20.48 15.10 -5.63
N LYS C 66 20.99 14.08 -6.34
CA LYS C 66 22.10 13.33 -5.82
C LYS C 66 23.41 14.13 -5.91
N ALA C 67 23.65 14.75 -7.06
CA ALA C 67 24.86 15.56 -7.19
C ALA C 67 24.83 16.75 -6.21
N GLU C 68 23.68 17.41 -6.09
CA GLU C 68 23.64 18.60 -5.23
C GLU C 68 23.61 18.23 -3.75
N GLY C 69 22.92 17.14 -3.41
CA GLY C 69 22.87 16.69 -2.02
C GLY C 69 24.23 16.26 -1.50
N GLU C 70 25.05 15.68 -2.35
CA GLU C 70 26.37 15.31 -1.89
C GLU C 70 27.20 16.54 -1.65
N GLU C 71 27.00 17.59 -2.44
CA GLU C 71 27.64 18.86 -2.13
C GLU C 71 27.12 19.42 -0.83
N LEU C 72 25.81 19.30 -0.59
CA LEU C 72 25.25 19.77 0.67
C LEU C 72 25.83 19.01 1.85
N ALA C 73 25.99 17.69 1.71
CA ALA C 73 26.54 16.85 2.79
C ALA C 73 27.98 17.22 3.11
N LYS C 74 28.80 17.51 2.09
CA LYS C 74 30.18 17.90 2.38
C LYS C 74 30.32 19.36 2.77
N HIS C 75 29.45 20.25 2.28
CA HIS C 75 29.80 21.66 2.39
C HIS C 75 28.70 22.57 2.93
N GLY C 76 27.57 22.01 3.39
CA GLY C 76 26.54 22.83 3.97
C GLY C 76 25.72 23.61 2.95
N PRO C 77 24.98 24.62 3.43
CA PRO C 77 23.99 25.28 2.57
C PRO C 77 24.63 26.12 1.47
N ALA C 78 23.85 26.34 0.40
CA ALA C 78 24.31 27.10 -0.75
C ALA C 78 24.45 28.58 -0.44
N LYS C 79 25.51 29.19 -0.95
CA LYS C 79 25.57 30.64 -1.00
C LYS C 79 24.50 31.15 -1.95
N ARG C 80 23.99 32.34 -1.69
CA ARG C 80 23.05 32.94 -2.64
C ARG C 80 23.74 33.08 -4.00
N PRO C 81 23.02 32.82 -5.11
CA PRO C 81 23.71 32.72 -6.42
C PRO C 81 24.51 33.95 -6.78
N ASP C 82 24.13 35.13 -6.29
CA ASP C 82 24.89 36.35 -6.57
C ASP C 82 26.06 36.57 -5.62
N GLN C 83 26.27 35.70 -4.63
CA GLN C 83 27.30 35.88 -3.60
C GLN C 83 28.28 34.71 -3.57
N GLN C 84 28.59 34.14 -4.73
CA GLN C 84 29.47 32.98 -4.72
C GLN C 84 30.92 33.43 -4.72
N GLY C 85 31.79 32.52 -4.29
CA GLY C 85 33.21 32.76 -4.19
C GLY C 85 33.84 31.88 -3.13
N ILE C 86 35.10 31.50 -3.38
CA ILE C 86 35.80 30.57 -2.49
C ILE C 86 36.18 31.31 -1.21
N ASP C 87 35.92 30.67 -0.07
CA ASP C 87 35.97 31.37 1.22
C ASP C 87 37.30 32.09 1.46
N ARG C 88 38.42 31.41 1.18
CA ARG C 88 39.73 31.96 1.51
C ARG C 88 40.00 33.30 0.82
N TYR C 89 39.52 33.49 -0.42
CA TYR C 89 39.80 34.74 -1.14
C TYR C 89 38.72 35.78 -0.93
N GLN C 90 38.12 35.82 0.25
CA GLN C 90 37.05 36.76 0.54
C GLN C 90 37.58 37.75 1.55
N GLU C 91 37.31 39.04 1.32
CA GLU C 91 37.81 40.06 2.21
C GLU C 91 37.31 39.82 3.63
N ALA C 92 36.04 39.43 3.78
CA ALA C 92 35.43 39.16 5.08
C ALA C 92 35.95 37.86 5.68
N PRO C 93 35.86 37.71 7.00
CA PRO C 93 36.24 36.44 7.62
C PRO C 93 35.06 35.49 7.66
N VAL C 94 35.24 34.29 7.13
CA VAL C 94 34.12 33.35 7.07
C VAL C 94 33.86 32.84 8.47
N GLU C 95 32.58 32.79 8.85
CA GLU C 95 32.22 32.28 10.16
C GLU C 95 32.21 30.75 10.09
N LYS C 96 33.23 30.13 10.67
CA LYS C 96 33.50 28.71 10.49
C LYS C 96 32.91 27.91 11.64
N GLY C 97 31.98 27.01 11.33
CA GLY C 97 31.37 26.19 12.34
C GLY C 97 32.22 24.98 12.69
N PRO C 98 31.67 24.09 13.52
CA PRO C 98 32.46 22.92 13.95
C PRO C 98 32.93 22.05 12.80
N ASN C 99 32.06 21.79 11.82
CA ASN C 99 32.38 20.88 10.74
C ASN C 99 32.71 21.60 9.45
N TYR C 100 33.30 22.79 9.57
CA TYR C 100 33.57 23.62 8.41
C TYR C 100 34.49 22.89 7.44
N ALA C 101 34.16 22.95 6.16
CA ALA C 101 34.99 22.34 5.14
C ALA C 101 34.86 23.22 3.90
N GLU C 102 35.92 23.95 3.57
CA GLU C 102 35.86 24.91 2.48
C GLU C 102 35.45 24.26 1.17
N ASP C 103 34.38 24.77 0.58
CA ASP C 103 33.92 24.33 -0.74
C ASP C 103 34.89 24.88 -1.77
N PRO C 104 35.65 24.03 -2.47
CA PRO C 104 36.59 24.55 -3.47
C PRO C 104 35.91 25.21 -4.67
N THR C 105 34.61 24.99 -4.88
CA THR C 105 33.88 25.65 -5.96
C THR C 105 33.25 26.97 -5.51
N GLY C 106 33.34 27.31 -4.24
CA GLY C 106 32.78 28.57 -3.78
C GLY C 106 31.27 28.68 -3.86
N ARG C 107 30.54 27.56 -3.97
CA ARG C 107 29.09 27.64 -4.10
C ARG C 107 28.37 27.46 -2.78
N ARG C 108 28.99 26.82 -1.79
CA ARG C 108 28.35 26.60 -0.51
C ARG C 108 29.17 27.24 0.61
N THR C 109 28.54 27.46 1.76
CA THR C 109 29.20 28.21 2.83
C THR C 109 30.33 27.44 3.50
N GLY C 110 30.33 26.10 3.40
CA GLY C 110 31.30 25.28 4.07
C GLY C 110 30.82 24.72 5.39
N ASN C 111 29.74 25.25 5.95
CA ASN C 111 29.30 24.86 7.28
C ASN C 111 28.37 23.65 7.20
N ALA C 112 28.99 22.49 6.96
CA ALA C 112 28.32 21.20 6.84
C ALA C 112 27.89 20.70 8.22
N CYS C 113 26.91 19.79 8.22
CA CYS C 113 26.52 19.01 9.38
C CYS C 113 27.65 18.12 9.90
N ASP C 114 27.40 17.44 11.02
CA ASP C 114 28.36 16.45 11.49
C ASP C 114 28.52 15.33 10.46
N PRO C 115 29.75 14.82 10.27
CA PRO C 115 29.95 13.84 9.19
C PRO C 115 29.22 12.52 9.44
N GLU C 116 28.90 12.19 10.69
CA GLU C 116 28.21 10.92 10.90
C GLU C 116 26.72 11.06 10.63
N VAL C 117 26.12 12.22 10.90
CA VAL C 117 24.73 12.40 10.49
C VAL C 117 24.65 12.64 8.98
N ALA C 118 25.73 13.17 8.40
CA ALA C 118 25.81 13.34 6.96
C ALA C 118 25.66 12.00 6.23
N LYS C 119 26.08 10.89 6.85
CA LYS C 119 25.92 9.58 6.21
C LYS C 119 24.46 9.23 6.01
N VAL C 120 23.58 9.77 6.87
CA VAL C 120 22.15 9.53 6.70
C VAL C 120 21.67 10.15 5.40
N LEU C 121 22.07 11.41 5.13
CA LEU C 121 21.68 12.06 3.89
C LEU C 121 22.29 11.33 2.69
N VAL C 122 23.58 11.05 2.75
CA VAL C 122 24.22 10.42 1.59
C VAL C 122 23.53 9.11 1.27
N LYS C 123 23.10 8.37 2.30
CA LYS C 123 22.51 7.06 2.07
C LYS C 123 21.13 7.16 1.43
N THR C 124 20.31 8.14 1.86
CA THR C 124 18.98 8.29 1.26
C THR C 124 19.09 8.76 -0.19
N LEU C 125 20.13 9.50 -0.53
CA LEU C 125 20.33 9.88 -1.93
C LEU C 125 20.65 8.65 -2.78
N GLU C 126 21.54 7.79 -2.28
CA GLU C 126 21.91 6.57 -3.01
C GLU C 126 20.71 5.66 -3.21
N GLU C 127 19.81 5.60 -2.22
CA GLU C 127 18.61 4.82 -2.39
C GLU C 127 17.69 5.42 -3.45
N ALA C 128 17.58 6.75 -3.48
CA ALA C 128 16.73 7.39 -4.47
C ALA C 128 17.25 7.10 -5.88
N VAL C 129 18.56 7.23 -6.09
CA VAL C 129 19.14 6.89 -7.38
C VAL C 129 18.83 5.43 -7.73
N ALA C 130 18.90 4.53 -6.73
CA ALA C 130 18.64 3.12 -6.99
C ALA C 130 17.20 2.89 -7.41
N VAL C 131 16.25 3.57 -6.76
CA VAL C 131 14.85 3.42 -7.14
C VAL C 131 14.63 3.80 -8.61
N ALA C 132 15.32 4.82 -9.08
CA ALA C 132 15.04 5.36 -10.41
C ALA C 132 16.06 4.92 -11.46
N HIS C 133 17.04 4.12 -11.08
CA HIS C 133 18.17 3.84 -11.97
C HIS C 133 17.72 3.04 -13.18
N LYS C 134 18.49 3.18 -14.27
CA LYS C 134 18.27 2.37 -15.46
C LYS C 134 18.35 0.88 -15.12
N ASP C 135 19.13 0.52 -14.09
CA ASP C 135 19.27 -0.87 -13.67
C ASP C 135 17.93 -1.53 -13.36
N GLN C 136 16.89 -0.76 -13.02
CA GLN C 136 15.61 -1.39 -12.71
C GLN C 136 14.95 -2.05 -13.92
N VAL C 137 15.34 -1.66 -15.14
CA VAL C 137 14.76 -2.30 -16.31
C VAL C 137 15.25 -3.73 -16.43
N ALA C 138 16.55 -3.94 -16.25
CA ALA C 138 17.08 -5.30 -16.23
C ALA C 138 16.46 -6.12 -15.10
N LYS C 139 16.19 -5.50 -13.94
CA LYS C 139 15.53 -6.17 -12.83
C LYS C 139 14.03 -6.31 -13.04
N LYS C 140 13.54 -5.94 -14.23
CA LYS C 140 12.12 -6.02 -14.58
C LYS C 140 11.25 -5.43 -13.47
N MET C 141 11.58 -4.22 -13.07
CA MET C 141 10.84 -3.51 -12.03
C MET C 141 10.24 -2.22 -12.58
N PRO C 142 8.93 -2.13 -12.75
CA PRO C 142 8.35 -0.87 -13.23
C PRO C 142 8.40 0.21 -12.16
N LEU C 143 8.59 1.46 -12.59
CA LEU C 143 8.57 2.58 -11.67
C LEU C 143 7.17 3.16 -11.54
N THR C 144 6.89 3.72 -10.38
CA THR C 144 5.63 4.39 -10.16
C THR C 144 5.90 5.81 -9.67
N ILE C 145 4.92 6.70 -9.87
CA ILE C 145 5.04 8.06 -9.37
C ILE C 145 5.21 8.07 -7.84
N LYS C 146 4.46 7.22 -7.15
CA LYS C 146 4.46 7.25 -5.70
C LYS C 146 5.79 6.74 -5.14
N ALA C 147 6.38 5.76 -5.80
CA ALA C 147 7.66 5.26 -5.32
C ALA C 147 8.74 6.31 -5.49
N LEU C 148 8.77 6.97 -6.64
CA LEU C 148 9.76 8.02 -6.85
C LEU C 148 9.50 9.22 -5.93
N GLN C 149 8.23 9.60 -5.76
CA GLN C 149 7.94 10.69 -4.85
C GLN C 149 8.31 10.29 -3.42
N GLU C 150 8.12 9.03 -3.06
CA GLU C 150 8.47 8.60 -1.70
C GLU C 150 9.97 8.68 -1.46
N ALA C 151 10.77 8.33 -2.47
CA ALA C 151 12.22 8.42 -2.29
C ALA C 151 12.65 9.87 -2.10
N VAL C 152 12.00 10.81 -2.81
CA VAL C 152 12.30 12.23 -2.63
C VAL C 152 11.93 12.68 -1.22
N ASP C 153 10.79 12.20 -0.71
CA ASP C 153 10.40 12.53 0.66
C ASP C 153 11.44 12.04 1.67
N ASN C 154 12.03 10.86 1.44
CA ASN C 154 13.07 10.37 2.35
C ASN C 154 14.29 11.27 2.34
N VAL C 155 14.65 11.78 1.17
CA VAL C 155 15.75 12.76 1.11
C VAL C 155 15.36 14.02 1.86
N ARG C 156 14.10 14.44 1.75
CA ARG C 156 13.66 15.59 2.53
C ARG C 156 13.82 15.31 4.02
N GLY C 157 13.41 14.12 4.45
CA GLY C 157 13.53 13.78 5.87
C GLY C 157 14.96 13.78 6.34
N ALA C 158 15.86 13.19 5.53
CA ALA C 158 17.28 13.27 5.85
C ALA C 158 17.76 14.72 5.92
N VAL C 159 17.31 15.58 5.00
CA VAL C 159 17.76 16.96 5.03
C VAL C 159 17.31 17.65 6.32
N MET C 160 16.11 17.32 6.82
CA MET C 160 15.65 17.98 8.04
C MET C 160 16.37 17.46 9.29
N ILE C 161 16.87 16.22 9.27
CA ILE C 161 17.79 15.76 10.32
C ILE C 161 19.20 16.34 10.17
N CYS C 162 19.70 16.56 8.95
CA CYS C 162 21.05 17.08 8.90
C CYS C 162 21.09 18.59 9.06
N TYR C 163 20.05 19.29 8.65
CA TYR C 163 19.98 20.75 8.75
C TYR C 163 18.63 21.10 9.33
N PRO C 164 18.45 20.95 10.64
CA PRO C 164 17.12 21.17 11.24
C PRO C 164 16.62 22.60 11.08
N MET C 165 17.49 23.58 10.83
CA MET C 165 17.00 24.93 10.55
C MET C 165 16.34 25.04 9.18
N GLY C 166 16.61 24.09 8.28
CA GLY C 166 16.16 24.21 6.92
C GLY C 166 17.22 24.84 6.03
N LEU C 167 16.98 24.79 4.74
CA LEU C 167 17.89 25.35 3.76
C LEU C 167 17.38 26.70 3.24
N PRO C 168 18.26 27.57 2.76
CA PRO C 168 17.78 28.81 2.14
C PRO C 168 16.93 28.52 0.90
N GLU C 169 16.10 29.51 0.54
CA GLU C 169 15.13 29.31 -0.56
C GLU C 169 15.84 29.02 -1.88
N TRP C 170 17.06 29.49 -2.04
CA TRP C 170 17.78 29.35 -3.30
C TRP C 170 18.60 28.06 -3.39
N ASP C 171 18.65 27.25 -2.34
CA ASP C 171 19.51 26.05 -2.39
C ASP C 171 18.98 25.07 -3.42
N PRO C 172 19.79 24.66 -4.41
CA PRO C 172 19.30 23.68 -5.39
C PRO C 172 18.74 22.42 -4.78
N VAL C 173 19.19 22.00 -3.60
CA VAL C 173 18.61 20.81 -2.99
C VAL C 173 17.16 21.08 -2.59
N ARG C 174 16.92 22.24 -1.96
CA ARG C 174 15.56 22.61 -1.60
C ARG C 174 14.65 22.72 -2.83
N LEU C 175 15.14 23.38 -3.89
CA LEU C 175 14.35 23.54 -5.11
C LEU C 175 14.05 22.18 -5.75
N GLY C 176 15.06 21.30 -5.78
CA GLY C 176 14.84 19.95 -6.28
C GLY C 176 13.81 19.19 -5.47
N LEU C 177 13.92 19.29 -4.14
CA LEU C 177 12.93 18.66 -3.26
C LEU C 177 11.54 19.25 -3.47
N GLU C 178 11.45 20.52 -3.86
CA GLU C 178 10.16 21.16 -4.02
C GLU C 178 9.57 21.06 -5.42
N GLY C 179 10.35 20.60 -6.42
CA GLY C 179 9.92 20.74 -7.82
C GLY C 179 9.96 22.16 -8.37
N SER C 180 10.76 23.06 -7.77
CA SER C 180 10.79 24.48 -8.13
C SER C 180 12.02 24.91 -8.91
N GLU C 181 12.81 23.98 -9.44
CA GLU C 181 14.00 24.42 -10.17
C GLU C 181 13.59 25.22 -11.40
N ASP C 182 14.44 26.16 -11.79
CA ASP C 182 14.31 26.80 -13.10
C ASP C 182 15.44 26.27 -13.95
N LEU C 183 15.12 25.40 -14.90
CA LEU C 183 16.13 24.82 -15.78
C LEU C 183 16.26 25.53 -17.11
N ALA C 184 15.50 26.61 -17.34
CA ALA C 184 15.58 27.31 -18.62
C ALA C 184 16.99 27.78 -18.90
N GLY C 185 17.43 27.61 -20.14
CA GLY C 185 18.76 28.01 -20.56
C GLY C 185 19.88 27.12 -20.10
N THR C 186 19.60 26.03 -19.39
CA THR C 186 20.63 25.11 -18.95
C THR C 186 20.58 23.83 -19.76
N SER C 187 21.65 23.04 -19.65
CA SER C 187 21.66 21.71 -20.24
C SER C 187 20.53 20.83 -19.70
N TYR C 188 19.97 21.14 -18.53
CA TYR C 188 18.96 20.24 -17.99
C TYR C 188 17.56 20.47 -18.56
N ALA C 189 17.34 21.56 -19.29
CA ALA C 189 15.99 21.84 -19.80
C ALA C 189 15.54 20.78 -20.81
N ALA C 190 16.46 20.26 -21.63
CA ALA C 190 16.04 19.23 -22.58
C ALA C 190 15.58 17.96 -21.88
N ASP C 191 16.03 17.73 -20.64
CA ASP C 191 15.59 16.59 -19.84
C ASP C 191 14.14 16.75 -19.37
N GLU C 192 13.67 17.98 -19.19
CA GLU C 192 12.38 18.19 -18.56
C GLU C 192 11.28 18.09 -19.60
N LEU C 193 10.20 17.39 -19.26
CA LEU C 193 9.07 17.15 -20.16
C LEU C 193 7.78 17.56 -19.45
N PRO C 194 7.42 18.84 -19.52
CA PRO C 194 6.18 19.29 -18.86
C PRO C 194 4.97 18.59 -19.44
N ALA C 195 3.98 18.35 -18.58
CA ALA C 195 2.84 17.53 -18.97
C ALA C 195 2.12 18.08 -20.20
N ASP C 196 2.08 19.39 -20.37
CA ASP C 196 1.31 19.99 -21.44
C ASP C 196 1.98 19.89 -22.81
N VAL C 197 3.24 19.47 -22.90
CA VAL C 197 3.88 19.37 -24.21
C VAL C 197 4.55 18.02 -24.42
N ALA C 198 4.36 17.09 -23.49
CA ALA C 198 4.95 15.77 -23.63
C ALA C 198 4.17 14.96 -24.64
N THR C 199 4.88 14.20 -25.48
CA THR C 199 4.29 13.27 -26.43
C THR C 199 4.87 11.86 -26.26
N LEU C 200 4.14 10.88 -26.79
CA LEU C 200 4.49 9.47 -26.67
C LEU C 200 4.62 8.85 -28.06
N TRP C 201 5.72 8.14 -28.30
CA TRP C 201 6.05 7.64 -29.63
C TRP C 201 6.23 6.12 -29.60
N PHE C 202 5.73 5.46 -30.63
CA PHE C 202 5.79 4.01 -30.77
C PHE C 202 6.15 3.66 -32.20
N ALA C 203 7.13 2.77 -32.35
CA ALA C 203 7.60 2.32 -33.66
C ALA C 203 7.86 3.51 -34.59
N GLY C 204 8.44 4.57 -34.04
CA GLY C 204 8.86 5.72 -34.83
C GLY C 204 7.75 6.65 -35.27
N LYS C 205 6.55 6.52 -34.73
CA LYS C 205 5.46 7.43 -35.07
C LYS C 205 4.78 7.88 -33.78
N GLN C 206 4.22 9.08 -33.81
CA GLN C 206 3.62 9.64 -32.61
C GLN C 206 2.22 9.10 -32.41
N MET C 207 1.97 8.54 -31.23
CA MET C 207 0.63 8.09 -30.87
C MET C 207 -0.28 9.28 -30.59
N ALA C 208 -1.53 9.16 -30.99
CA ALA C 208 -2.49 10.25 -30.82
C ALA C 208 -3.04 10.24 -29.40
N PRO C 209 -3.06 11.39 -28.72
CA PRO C 209 -3.55 11.41 -27.33
C PRO C 209 -4.99 10.91 -27.16
N GLU C 210 -5.86 11.17 -28.14
CA GLU C 210 -7.26 10.76 -28.00
C GLU C 210 -7.40 9.24 -27.96
N LYS C 211 -6.51 8.51 -28.62
CA LYS C 211 -6.66 7.08 -28.76
C LYS C 211 -6.25 6.37 -27.45
N LYS C 212 -6.62 5.09 -27.35
CA LYS C 212 -6.23 4.24 -26.23
C LYS C 212 -4.96 3.50 -26.60
N LEU C 213 -4.22 3.07 -25.58
CA LEU C 213 -3.01 2.29 -25.86
C LEU C 213 -3.35 1.04 -26.67
N SER C 214 -4.53 0.46 -26.42
CA SER C 214 -4.97 -0.73 -27.15
C SER C 214 -4.97 -0.51 -28.66
N ASP C 215 -5.32 0.69 -29.13
CA ASP C 215 -5.36 0.94 -30.57
C ASP C 215 -4.00 0.76 -31.25
N TYR C 216 -2.92 0.78 -30.48
CA TYR C 216 -1.60 0.55 -31.04
C TYR C 216 -0.98 -0.78 -30.63
N LEU C 217 -1.40 -1.35 -29.50
CA LEU C 217 -0.69 -2.49 -28.94
C LEU C 217 -1.51 -3.78 -28.85
N GLY C 218 -2.79 -3.74 -29.21
CA GLY C 218 -3.63 -4.91 -29.07
C GLY C 218 -4.25 -4.98 -27.69
N ARG C 219 -5.30 -5.81 -27.58
CA ARG C 219 -5.94 -5.98 -26.28
C ARG C 219 -5.24 -7.02 -25.41
N HIS C 220 -4.39 -7.88 -25.98
CA HIS C 220 -3.69 -8.88 -25.18
C HIS C 220 -2.42 -9.41 -25.83
N GLU C 221 -1.37 -8.59 -25.89
CA GLU C 221 -0.05 -9.05 -26.33
C GLU C 221 0.77 -9.56 -25.14
N LYS C 224 5.04 -6.62 -24.22
CA LYS C 224 5.80 -5.42 -23.87
C LYS C 224 5.98 -4.54 -25.11
N ALA C 225 6.03 -3.22 -24.92
CA ALA C 225 6.16 -2.30 -26.04
C ALA C 225 7.17 -1.23 -25.69
N VAL C 226 8.19 -1.09 -26.54
CA VAL C 226 9.14 0.00 -26.43
C VAL C 226 8.47 1.28 -26.93
N VAL C 227 8.47 2.32 -26.10
CA VAL C 227 7.96 3.64 -26.47
C VAL C 227 9.00 4.71 -26.10
N LYS C 228 8.73 5.93 -26.50
CA LYS C 228 9.65 7.04 -26.29
C LYS C 228 8.89 8.32 -26.01
N LEU C 229 9.20 8.97 -24.89
CA LEU C 229 8.68 10.29 -24.56
C LEU C 229 9.50 11.35 -25.26
N GLN C 230 8.82 12.33 -25.84
CA GLN C 230 9.42 13.48 -26.48
C GLN C 230 8.55 14.68 -26.17
N LYS C 231 8.99 15.87 -26.55
CA LYS C 231 8.14 17.04 -26.42
C LYS C 231 7.96 17.73 -27.75
N LYS C 232 6.82 18.43 -27.87
CA LYS C 232 6.42 19.14 -29.09
C LYS C 232 7.52 20.03 -29.68
N HIS D 21 8.02 -6.65 17.81
CA HIS D 21 7.34 -6.64 16.52
C HIS D 21 7.82 -7.77 15.59
N MET D 22 8.18 -7.42 14.36
CA MET D 22 8.57 -8.36 13.31
C MET D 22 10.06 -8.22 13.00
N VAL D 23 10.65 -9.30 12.51
CA VAL D 23 12.03 -9.32 12.05
C VAL D 23 12.05 -9.83 10.62
N LEU D 24 12.93 -9.25 9.79
CA LEU D 24 13.18 -9.71 8.44
C LEU D 24 14.43 -10.58 8.43
N LEU D 25 14.26 -11.89 8.21
CA LEU D 25 15.37 -12.84 8.17
C LEU D 25 15.85 -13.07 6.75
N HIS D 26 17.17 -13.16 6.59
CA HIS D 26 17.78 -13.42 5.29
C HIS D 26 18.47 -14.78 5.38
N MET D 27 17.77 -15.83 4.97
CA MET D 27 18.35 -17.16 4.88
C MET D 27 19.29 -17.17 3.69
N LYS D 28 20.59 -17.29 3.95
CA LYS D 28 21.59 -17.27 2.89
C LYS D 28 22.46 -18.50 3.05
N ARG D 29 22.32 -19.45 2.14
CA ARG D 29 23.22 -20.60 2.09
C ARG D 29 24.29 -20.45 1.03
N SER D 30 23.96 -19.75 -0.05
CA SER D 30 24.88 -19.48 -1.15
C SER D 30 24.25 -18.33 -1.95
N GLU D 31 24.91 -17.95 -3.05
CA GLU D 31 24.40 -16.84 -3.87
C GLU D 31 23.17 -17.26 -4.68
N LEU D 32 22.95 -18.55 -4.88
CA LEU D 32 21.70 -18.98 -5.47
C LEU D 32 20.72 -19.55 -4.46
N ASP D 33 21.17 -19.94 -3.28
CA ASP D 33 20.31 -20.58 -2.28
C ASP D 33 20.03 -19.59 -1.16
N GLN D 34 19.05 -18.72 -1.38
CA GLN D 34 18.78 -17.65 -0.42
C GLN D 34 17.40 -17.07 -0.63
N PHE D 35 16.82 -16.61 0.47
CA PHE D 35 15.51 -15.95 0.41
C PHE D 35 15.31 -15.15 1.70
N LEU D 36 14.34 -14.24 1.65
CA LEU D 36 13.94 -13.44 2.80
C LEU D 36 12.66 -13.99 3.42
N PHE D 37 12.51 -13.79 4.72
CA PHE D 37 11.37 -14.31 5.45
C PHE D 37 11.07 -13.39 6.63
N GLU D 38 9.79 -13.10 6.84
CA GLU D 38 9.32 -12.18 7.87
C GLU D 38 8.46 -12.94 8.85
N THR D 39 8.67 -12.73 10.14
CA THR D 39 7.90 -13.42 11.18
C THR D 39 7.96 -12.62 12.49
N THR D 40 7.32 -13.16 13.52
CA THR D 40 7.38 -12.55 14.84
C THR D 40 8.74 -12.78 15.47
N VAL D 41 9.38 -11.69 15.91
CA VAL D 41 10.66 -11.85 16.58
C VAL D 41 10.50 -12.59 17.90
N ALA D 42 9.27 -12.69 18.41
CA ALA D 42 8.93 -13.45 19.60
C ALA D 42 8.71 -14.94 19.35
N SER D 43 8.77 -15.40 18.10
CA SER D 43 8.47 -16.79 17.83
C SER D 43 9.66 -17.68 18.18
N THR D 44 9.36 -18.95 18.43
CA THR D 44 10.39 -19.93 18.75
C THR D 44 11.32 -20.15 17.57
N VAL D 45 12.56 -20.54 17.89
CA VAL D 45 13.46 -21.03 16.85
C VAL D 45 12.86 -22.27 16.19
N ASP D 46 12.25 -23.14 17.00
CA ASP D 46 11.68 -24.38 16.48
C ASP D 46 10.66 -24.10 15.40
N GLU D 47 9.71 -23.18 15.68
CA GLU D 47 8.65 -22.90 14.72
C GLU D 47 9.19 -22.17 13.48
N THR D 48 10.15 -21.28 13.67
CA THR D 48 10.72 -20.58 12.53
C THR D 48 11.51 -21.53 11.63
N THR D 49 12.25 -22.46 12.24
CA THR D 49 13.04 -23.40 11.45
C THR D 49 12.15 -24.24 10.55
N ARG D 50 11.04 -24.73 11.10
CA ARG D 50 10.12 -25.56 10.32
C ARG D 50 9.48 -24.75 9.18
N GLN D 51 9.02 -23.53 9.46
CA GLN D 51 8.40 -22.75 8.40
C GLN D 51 9.40 -22.44 7.30
N MET D 52 10.62 -22.06 7.66
CA MET D 52 11.58 -21.68 6.64
C MET D 52 12.08 -22.91 5.88
N ALA D 53 12.17 -24.06 6.55
CA ALA D 53 12.51 -25.29 5.84
C ALA D 53 11.44 -25.65 4.81
N GLU D 54 10.16 -25.44 5.16
CA GLU D 54 9.12 -25.71 4.19
C GLU D 54 9.23 -24.77 3.00
N VAL D 55 9.58 -23.51 3.25
CA VAL D 55 9.84 -22.57 2.16
C VAL D 55 11.03 -23.03 1.32
N HIS D 56 12.13 -23.33 1.99
CA HIS D 56 13.35 -23.78 1.30
C HIS D 56 13.07 -24.98 0.40
N ASN D 57 12.36 -26.00 0.91
CA ASN D 57 12.10 -27.20 0.12
C ASN D 57 11.19 -26.88 -1.07
N LEU D 58 10.24 -25.96 -0.87
CA LEU D 58 9.36 -25.53 -1.96
C LEU D 58 10.15 -24.84 -3.07
N ARG D 59 11.11 -24.00 -2.71
CA ARG D 59 11.93 -23.34 -3.73
C ARG D 59 12.63 -24.36 -4.62
N HIS D 60 13.25 -25.37 -4.00
CA HIS D 60 14.02 -26.34 -4.77
C HIS D 60 13.13 -27.30 -5.53
N ARG D 61 11.94 -27.62 -4.99
CA ARG D 61 10.92 -28.30 -5.78
C ARG D 61 10.59 -27.52 -7.06
N ILE D 62 10.40 -26.19 -6.93
CA ILE D 62 10.00 -25.39 -8.09
C ILE D 62 11.11 -25.39 -9.13
N GLU D 63 12.37 -25.34 -8.69
CA GLU D 63 13.47 -25.44 -9.66
C GLU D 63 13.45 -26.78 -10.40
N ARG D 64 13.17 -27.88 -9.69
CA ARG D 64 13.12 -29.19 -10.35
C ARG D 64 11.88 -29.34 -11.24
N LEU D 65 10.76 -28.75 -10.83
CA LEU D 65 9.56 -28.80 -11.68
C LEU D 65 9.81 -28.18 -13.04
N LYS D 66 10.64 -27.14 -13.08
CA LYS D 66 10.84 -26.42 -14.32
C LYS D 66 11.66 -27.24 -15.29
N ALA D 67 12.70 -27.90 -14.81
CA ALA D 67 13.47 -28.78 -15.68
C ALA D 67 12.62 -29.93 -16.20
N GLU D 68 11.86 -30.58 -15.31
CA GLU D 68 11.04 -31.71 -15.73
C GLU D 68 9.77 -31.23 -16.44
N GLY D 69 9.18 -30.14 -15.98
CA GLY D 69 7.98 -29.65 -16.64
C GLY D 69 8.22 -29.27 -18.08
N GLU D 70 9.40 -28.73 -18.37
CA GLU D 70 9.68 -28.40 -19.76
C GLU D 70 9.91 -29.65 -20.61
N GLU D 71 10.51 -30.70 -20.04
CA GLU D 71 10.60 -31.96 -20.77
C GLU D 71 9.22 -32.56 -21.01
N LEU D 72 8.31 -32.43 -20.05
CA LEU D 72 6.95 -32.90 -20.26
C LEU D 72 6.29 -32.12 -21.39
N ALA D 73 6.53 -30.81 -21.44
CA ALA D 73 5.97 -29.98 -22.50
C ALA D 73 6.43 -30.42 -23.88
N LYS D 74 7.70 -30.82 -24.01
CA LYS D 74 8.25 -31.27 -25.28
C LYS D 74 7.92 -32.72 -25.62
N HIS D 75 7.82 -33.61 -24.63
CA HIS D 75 7.85 -35.02 -24.97
C HIS D 75 6.79 -35.88 -24.26
N GLY D 76 5.84 -35.29 -23.55
CA GLY D 76 4.81 -36.09 -22.93
C GLY D 76 5.26 -36.81 -21.67
N PRO D 77 4.48 -37.81 -21.25
CA PRO D 77 4.69 -38.41 -19.93
C PRO D 77 5.96 -39.24 -19.85
N ALA D 78 6.45 -39.38 -18.63
CA ALA D 78 7.65 -40.17 -18.39
C ALA D 78 7.35 -41.63 -18.59
N LYS D 79 8.30 -42.34 -19.18
CA LYS D 79 8.32 -43.79 -19.11
C LYS D 79 8.65 -44.23 -17.68
N ARG D 80 8.17 -45.41 -17.30
CA ARG D 80 8.53 -45.94 -16.00
C ARG D 80 10.05 -46.11 -15.92
N PRO D 81 10.66 -45.76 -14.79
CA PRO D 81 12.14 -45.72 -14.74
C PRO D 81 12.84 -47.01 -15.13
N ASP D 82 12.20 -48.16 -14.99
CA ASP D 82 12.81 -49.41 -15.43
C ASP D 82 12.65 -49.66 -16.92
N GLN D 83 11.92 -48.79 -17.63
CA GLN D 83 11.58 -49.00 -19.03
C GLN D 83 12.09 -47.86 -19.92
N GLN D 84 13.24 -47.30 -19.59
CA GLN D 84 13.78 -46.18 -20.38
C GLN D 84 14.60 -46.70 -21.56
N GLY D 85 14.78 -45.84 -22.55
CA GLY D 85 15.51 -46.16 -23.76
C GLY D 85 15.02 -45.32 -24.93
N ILE D 86 15.93 -45.01 -25.84
CA ILE D 86 15.62 -44.12 -26.96
C ILE D 86 14.73 -44.86 -27.96
N ASP D 87 13.64 -44.20 -28.38
CA ASP D 87 12.53 -44.88 -29.06
C ASP D 87 12.95 -45.67 -30.30
N ARG D 88 13.78 -45.08 -31.16
CA ARG D 88 14.11 -45.74 -32.42
C ARG D 88 14.77 -47.10 -32.23
N TYR D 89 15.57 -47.28 -31.16
CA TYR D 89 16.29 -48.54 -31.01
C TYR D 89 15.45 -49.62 -30.31
N GLN D 90 14.13 -49.58 -30.43
CA GLN D 90 13.23 -50.54 -29.79
C GLN D 90 12.49 -51.39 -30.82
N PRO D 93 8.24 -51.26 -32.25
CA PRO D 93 6.83 -50.87 -32.18
C PRO D 93 6.58 -49.71 -31.22
N VAL D 94 5.98 -48.62 -31.69
CA VAL D 94 5.81 -47.42 -30.87
C VAL D 94 4.49 -46.73 -31.25
N GLU D 95 3.69 -46.36 -30.25
CA GLU D 95 2.42 -45.68 -30.46
C GLU D 95 2.66 -44.17 -30.60
N LYS D 96 2.55 -43.66 -31.83
CA LYS D 96 2.85 -42.25 -32.11
C LYS D 96 1.55 -41.44 -32.21
N GLY D 97 1.38 -40.48 -31.30
CA GLY D 97 0.23 -39.61 -31.34
C GLY D 97 0.42 -38.43 -32.26
N PRO D 98 -0.56 -37.51 -32.28
CA PRO D 98 -0.46 -36.36 -33.21
C PRO D 98 0.78 -35.51 -33.03
N ASN D 99 1.16 -35.21 -31.78
CA ASN D 99 2.27 -34.30 -31.50
C ASN D 99 3.54 -35.04 -31.09
N TYR D 100 3.75 -36.24 -31.62
CA TYR D 100 4.87 -37.07 -31.19
C TYR D 100 6.20 -36.38 -31.47
N ALA D 101 7.09 -36.42 -30.49
CA ALA D 101 8.43 -35.83 -30.62
C ALA D 101 9.41 -36.69 -29.82
N GLU D 102 10.22 -37.49 -30.52
CA GLU D 102 11.10 -38.47 -29.89
C GLU D 102 12.02 -37.81 -28.87
N ASP D 103 11.99 -38.30 -27.64
CA ASP D 103 12.87 -37.81 -26.59
C ASP D 103 14.28 -38.32 -26.85
N PRO D 104 15.27 -37.45 -27.07
CA PRO D 104 16.63 -37.94 -27.29
C PRO D 104 17.23 -38.66 -26.08
N THR D 105 16.70 -38.43 -24.87
CA THR D 105 17.20 -39.13 -23.69
C THR D 105 16.45 -40.42 -23.39
N GLY D 106 15.40 -40.74 -24.12
CA GLY D 106 14.67 -41.97 -23.89
C GLY D 106 13.92 -42.05 -22.58
N ARG D 107 13.64 -40.92 -21.93
CA ARG D 107 12.99 -40.90 -20.63
C ARG D 107 11.47 -40.71 -20.67
N ARG D 108 10.95 -40.08 -21.72
CA ARG D 108 9.52 -39.85 -21.84
C ARG D 108 9.02 -40.49 -23.12
N THR D 109 7.69 -40.69 -23.21
CA THR D 109 7.15 -41.47 -24.31
C THR D 109 7.25 -40.76 -25.65
N GLY D 110 7.36 -39.43 -25.65
CA GLY D 110 7.33 -38.65 -26.85
C GLY D 110 5.97 -38.10 -27.22
N ASN D 111 4.90 -38.66 -26.66
CA ASN D 111 3.55 -38.27 -27.03
C ASN D 111 3.15 -37.05 -26.20
N ALA D 112 3.69 -35.90 -26.61
CA ALA D 112 3.42 -34.63 -25.95
C ALA D 112 2.01 -34.11 -26.28
N CYS D 113 1.55 -33.21 -25.42
CA CYS D 113 0.34 -32.42 -25.63
C CYS D 113 0.42 -31.60 -26.92
N ASP D 114 -0.71 -30.97 -27.24
CA ASP D 114 -0.76 -30.01 -28.34
C ASP D 114 0.06 -28.76 -28.01
N PRO D 115 0.75 -28.20 -29.01
CA PRO D 115 1.74 -27.13 -28.75
C PRO D 115 1.12 -25.85 -28.21
N GLU D 116 -0.20 -25.65 -28.42
CA GLU D 116 -0.87 -24.42 -28.04
C GLU D 116 -1.08 -24.35 -26.54
N VAL D 117 -1.45 -25.49 -25.94
CA VAL D 117 -1.54 -25.58 -24.49
C VAL D 117 -0.16 -25.73 -23.87
N ALA D 118 0.81 -26.25 -24.62
CA ALA D 118 2.16 -26.37 -24.08
C ALA D 118 2.75 -25.02 -23.72
N LYS D 119 2.41 -23.97 -24.46
CA LYS D 119 2.96 -22.66 -24.13
C LYS D 119 2.42 -22.17 -22.79
N VAL D 120 1.22 -22.59 -22.42
CA VAL D 120 0.67 -22.26 -21.11
C VAL D 120 1.44 -22.97 -20.01
N LEU D 121 1.76 -24.25 -20.20
CA LEU D 121 2.52 -24.99 -19.19
C LEU D 121 3.90 -24.35 -18.99
N VAL D 122 4.59 -24.02 -20.08
CA VAL D 122 5.88 -23.36 -19.96
C VAL D 122 5.73 -22.04 -19.20
N LYS D 123 4.61 -21.34 -19.38
CA LYS D 123 4.49 -20.02 -18.76
C LYS D 123 4.29 -20.12 -17.25
N THR D 124 3.49 -21.08 -16.78
CA THR D 124 3.31 -21.20 -15.33
C THR D 124 4.61 -21.67 -14.65
N LEU D 125 5.42 -22.45 -15.35
CA LEU D 125 6.71 -22.84 -14.78
C LEU D 125 7.63 -21.64 -14.65
N GLU D 126 7.69 -20.79 -15.69
CA GLU D 126 8.53 -19.60 -15.62
C GLU D 126 8.05 -18.66 -14.53
N GLU D 127 6.74 -18.54 -14.35
CA GLU D 127 6.23 -17.71 -13.28
C GLU D 127 6.60 -18.28 -11.91
N ALA D 128 6.48 -19.60 -11.75
CA ALA D 128 6.77 -20.22 -10.46
C ALA D 128 8.23 -20.00 -10.08
N VAL D 129 9.14 -20.25 -11.01
CA VAL D 129 10.57 -20.00 -10.76
C VAL D 129 10.78 -18.55 -10.35
N ALA D 130 10.09 -17.61 -11.01
CA ALA D 130 10.26 -16.20 -10.68
C ALA D 130 9.79 -15.91 -9.27
N VAL D 131 8.68 -16.52 -8.86
CA VAL D 131 8.20 -16.28 -7.49
C VAL D 131 9.27 -16.66 -6.47
N ALA D 132 10.01 -17.74 -6.73
CA ALA D 132 10.95 -18.29 -5.75
C ALA D 132 12.41 -17.92 -6.00
N HIS D 133 12.69 -17.16 -7.06
CA HIS D 133 14.07 -16.95 -7.51
C HIS D 133 14.87 -16.18 -6.45
N LYS D 134 16.20 -16.37 -6.49
CA LYS D 134 17.08 -15.59 -5.62
C LYS D 134 16.93 -14.08 -5.89
N ASP D 135 16.58 -13.69 -7.13
CA ASP D 135 16.39 -12.27 -7.44
C ASP D 135 15.37 -11.60 -6.53
N GLN D 136 14.49 -12.37 -5.90
CA GLN D 136 13.52 -11.78 -4.99
C GLN D 136 14.19 -11.18 -3.76
N VAL D 137 15.42 -11.58 -3.45
CA VAL D 137 16.06 -11.02 -2.29
C VAL D 137 16.45 -9.57 -2.56
N ALA D 138 16.98 -9.31 -3.77
CA ALA D 138 17.28 -7.94 -4.18
C ALA D 138 16.03 -7.08 -4.23
N LYS D 139 14.90 -7.63 -4.71
CA LYS D 139 13.65 -6.88 -4.76
C LYS D 139 13.02 -6.72 -3.40
N LYS D 140 13.74 -7.10 -2.35
CA LYS D 140 13.26 -7.01 -0.97
C LYS D 140 11.86 -7.59 -0.81
N MET D 141 11.67 -8.81 -1.30
CA MET D 141 10.37 -9.50 -1.23
C MET D 141 10.48 -10.77 -0.41
N PRO D 142 9.93 -10.81 0.80
CA PRO D 142 9.98 -12.04 1.59
C PRO D 142 9.07 -13.11 0.99
N LEU D 143 9.51 -14.35 1.11
CA LEU D 143 8.73 -15.48 0.63
C LEU D 143 7.81 -16.02 1.72
N THR D 144 6.69 -16.59 1.30
CA THR D 144 5.78 -17.26 2.21
C THR D 144 5.50 -18.67 1.70
N ILE D 145 5.12 -19.54 2.63
CA ILE D 145 4.71 -20.88 2.24
C ILE D 145 3.53 -20.81 1.28
N LYS D 146 2.59 -19.89 1.53
CA LYS D 146 1.37 -19.88 0.76
C LYS D 146 1.61 -19.40 -0.67
N ALA D 147 2.54 -18.45 -0.86
CA ALA D 147 2.84 -18.01 -2.23
C ALA D 147 3.55 -19.10 -3.01
N LEU D 148 4.50 -19.81 -2.38
CA LEU D 148 5.15 -20.90 -3.10
C LEU D 148 4.17 -22.02 -3.40
N GLN D 149 3.31 -22.37 -2.44
CA GLN D 149 2.33 -23.42 -2.67
C GLN D 149 1.34 -23.01 -3.77
N GLU D 150 0.99 -21.72 -3.81
CA GLU D 150 0.08 -21.25 -4.85
C GLU D 150 0.72 -21.32 -6.23
N ALA D 151 2.02 -21.01 -6.32
CA ALA D 151 2.67 -21.15 -7.61
C ALA D 151 2.69 -22.61 -8.05
N VAL D 152 2.92 -23.53 -7.11
CA VAL D 152 2.90 -24.95 -7.42
C VAL D 152 1.50 -25.39 -7.87
N ASP D 153 0.46 -24.86 -7.23
CA ASP D 153 -0.92 -25.20 -7.62
C ASP D 153 -1.22 -24.75 -9.05
N ASN D 154 -0.71 -23.60 -9.48
CA ASN D 154 -0.93 -23.15 -10.86
C ASN D 154 -0.25 -24.07 -11.85
N VAL D 155 0.95 -24.54 -11.54
CA VAL D 155 1.62 -25.49 -12.43
C VAL D 155 0.81 -26.77 -12.54
N ARG D 156 0.26 -27.24 -11.41
CA ARG D 156 -0.61 -28.41 -11.43
C ARG D 156 -1.81 -28.17 -12.35
N GLY D 157 -2.39 -26.96 -12.28
CA GLY D 157 -3.52 -26.64 -13.14
C GLY D 157 -3.13 -26.66 -14.61
N ALA D 158 -1.99 -26.07 -14.95
CA ALA D 158 -1.53 -26.16 -16.33
C ALA D 158 -1.31 -27.62 -16.74
N VAL D 159 -0.74 -28.43 -15.84
CA VAL D 159 -0.48 -29.82 -16.16
C VAL D 159 -1.80 -30.53 -16.49
N MET D 160 -2.87 -30.18 -15.77
CA MET D 160 -4.14 -30.87 -16.01
C MET D 160 -4.79 -30.40 -17.30
N ILE D 161 -4.44 -29.21 -17.77
CA ILE D 161 -4.96 -28.76 -19.05
C ILE D 161 -4.29 -29.50 -20.21
N CYS D 162 -2.98 -29.74 -20.11
CA CYS D 162 -2.29 -30.35 -21.23
C CYS D 162 -2.43 -31.87 -21.23
N TYR D 163 -2.59 -32.46 -20.05
CA TYR D 163 -2.76 -33.90 -19.92
C TYR D 163 -3.96 -34.11 -19.02
N PRO D 164 -5.16 -33.91 -19.55
CA PRO D 164 -6.37 -34.00 -18.72
C PRO D 164 -6.55 -35.38 -18.13
N MET D 165 -5.88 -36.36 -18.73
CA MET D 165 -5.80 -37.74 -18.24
C MET D 165 -5.02 -37.85 -16.94
N GLY D 166 -4.20 -36.86 -16.61
CA GLY D 166 -3.30 -36.96 -15.50
C GLY D 166 -2.00 -37.60 -15.96
N LEU D 167 -0.96 -37.52 -15.08
CA LEU D 167 0.34 -38.11 -15.33
C LEU D 167 0.48 -39.42 -14.55
N PRO D 168 1.31 -40.36 -15.02
CA PRO D 168 1.56 -41.59 -14.25
C PRO D 168 2.21 -41.33 -12.90
N GLU D 169 2.09 -42.34 -12.02
CA GLU D 169 2.52 -42.23 -10.63
C GLU D 169 4.00 -41.93 -10.49
N TRP D 170 4.81 -42.36 -11.45
CA TRP D 170 6.26 -42.23 -11.38
C TRP D 170 6.80 -40.96 -12.05
N ASP D 171 5.95 -40.15 -12.68
CA ASP D 171 6.42 -38.98 -13.43
C ASP D 171 7.00 -37.94 -12.50
N PRO D 172 8.28 -37.56 -12.67
CA PRO D 172 8.86 -36.55 -11.76
C PRO D 172 8.06 -35.27 -11.65
N VAL D 173 7.30 -34.90 -12.68
CA VAL D 173 6.47 -33.72 -12.55
C VAL D 173 5.36 -33.95 -11.53
N ARG D 174 4.69 -35.11 -11.62
CA ARG D 174 3.67 -35.45 -10.64
C ARG D 174 4.26 -35.52 -9.24
N LEU D 175 5.41 -36.17 -9.11
CA LEU D 175 6.05 -36.28 -7.81
C LEU D 175 6.42 -34.90 -7.27
N GLY D 176 6.89 -33.99 -8.14
CA GLY D 176 7.19 -32.63 -7.69
C GLY D 176 5.97 -31.86 -7.22
N LEU D 177 4.87 -31.94 -7.98
CA LEU D 177 3.64 -31.26 -7.54
C LEU D 177 3.14 -31.81 -6.22
N GLU D 178 3.34 -33.10 -5.95
CA GLU D 178 2.84 -33.71 -4.73
C GLU D 178 3.83 -33.65 -3.57
N GLY D 179 5.07 -33.23 -3.80
CA GLY D 179 6.06 -33.34 -2.75
C GLY D 179 6.45 -34.77 -2.40
N SER D 180 6.33 -35.70 -3.35
CA SER D 180 6.63 -37.10 -3.09
C SER D 180 7.91 -37.56 -3.77
N GLU D 181 8.75 -36.66 -4.27
CA GLU D 181 9.96 -37.12 -4.91
C GLU D 181 10.84 -37.84 -3.88
N ASP D 182 11.62 -38.80 -4.34
CA ASP D 182 12.68 -39.37 -3.53
C ASP D 182 14.00 -38.89 -4.11
N LEU D 183 14.69 -38.02 -3.37
CA LEU D 183 15.92 -37.42 -3.85
C LEU D 183 17.15 -38.21 -3.44
N ALA D 184 16.96 -39.34 -2.75
CA ALA D 184 18.07 -40.20 -2.39
C ALA D 184 18.83 -40.61 -3.64
N GLY D 185 20.16 -40.61 -3.54
CA GLY D 185 21.00 -40.96 -4.66
C GLY D 185 21.17 -39.89 -5.71
N THR D 186 20.60 -38.69 -5.51
CA THR D 186 20.77 -37.60 -6.45
C THR D 186 21.62 -36.48 -5.85
N SER D 187 22.11 -35.62 -6.72
CA SER D 187 22.73 -34.37 -6.29
C SER D 187 21.76 -33.51 -5.49
N TYR D 188 20.45 -33.78 -5.56
CA TYR D 188 19.46 -32.95 -4.89
C TYR D 188 19.23 -33.34 -3.43
N ALA D 189 19.76 -34.47 -2.98
CA ALA D 189 19.48 -34.89 -1.61
C ALA D 189 20.03 -33.88 -0.60
N ALA D 190 21.20 -33.31 -0.88
CA ALA D 190 21.77 -32.31 0.01
C ALA D 190 20.92 -31.03 0.04
N ASP D 191 20.13 -30.78 -0.99
CA ASP D 191 19.27 -29.59 -0.99
C ASP D 191 18.13 -29.73 0.01
N GLU D 192 17.69 -30.95 0.28
CA GLU D 192 16.47 -31.15 1.05
C GLU D 192 16.73 -31.10 2.55
N LEU D 193 15.86 -30.38 3.26
CA LEU D 193 15.97 -30.15 4.70
C LEU D 193 14.66 -30.51 5.36
N PRO D 194 14.47 -31.79 5.69
CA PRO D 194 13.22 -32.20 6.36
C PRO D 194 13.07 -31.51 7.70
N ALA D 195 11.82 -31.24 8.08
CA ALA D 195 11.54 -30.47 9.27
C ALA D 195 12.15 -31.10 10.52
N ASP D 196 12.26 -32.41 10.56
CA ASP D 196 12.72 -33.10 11.76
C ASP D 196 14.23 -33.00 11.97
N VAL D 197 14.98 -32.51 11.00
CA VAL D 197 16.42 -32.39 11.18
C VAL D 197 16.92 -31.02 10.78
N ALA D 198 16.00 -30.12 10.46
CA ALA D 198 16.42 -28.78 10.07
C ALA D 198 16.84 -28.00 11.31
N THR D 199 17.98 -27.31 11.19
CA THR D 199 18.49 -26.44 12.24
C THR D 199 18.72 -25.04 11.67
N LEU D 200 18.77 -24.07 12.57
CA LEU D 200 18.89 -22.66 12.20
C LEU D 200 20.09 -22.02 12.89
N TRP D 201 20.94 -21.39 12.10
CA TRP D 201 22.22 -20.90 12.57
C TRP D 201 22.33 -19.41 12.35
N PHE D 202 22.92 -18.71 13.31
CA PHE D 202 23.14 -17.27 13.24
C PHE D 202 24.56 -16.97 13.74
N ALA D 203 25.30 -16.19 12.96
CA ALA D 203 26.69 -15.86 13.27
C ALA D 203 27.49 -17.12 13.59
N GLY D 204 27.21 -18.19 12.85
CA GLY D 204 28.00 -19.40 12.96
C GLY D 204 27.74 -20.25 14.18
N LYS D 205 26.66 -20.01 14.91
CA LYS D 205 26.30 -20.88 16.03
C LYS D 205 24.85 -21.30 15.89
N GLN D 206 24.53 -22.45 16.48
CA GLN D 206 23.18 -22.97 16.36
C GLN D 206 22.27 -22.31 17.39
N MET D 207 21.17 -21.72 16.92
CA MET D 207 20.16 -21.25 17.87
C MET D 207 19.41 -22.46 18.42
N ALA D 208 19.11 -22.43 19.70
CA ALA D 208 18.45 -23.58 20.30
C ALA D 208 16.96 -23.53 19.97
N PRO D 209 16.36 -24.63 19.52
CA PRO D 209 14.96 -24.58 19.06
C PRO D 209 14.00 -24.02 20.10
N GLU D 210 14.21 -24.31 21.38
CA GLU D 210 13.29 -23.85 22.43
C GLU D 210 13.30 -22.34 22.62
N LYS D 211 14.43 -21.68 22.39
CA LYS D 211 14.49 -20.27 22.73
C LYS D 211 13.72 -19.45 21.71
N LYS D 212 13.51 -18.18 22.03
CA LYS D 212 12.82 -17.29 21.11
C LYS D 212 13.84 -16.53 20.26
N LEU D 213 13.39 -16.09 19.08
CA LEU D 213 14.28 -15.35 18.20
C LEU D 213 14.81 -14.10 18.87
N SER D 214 13.97 -13.44 19.69
CA SER D 214 14.41 -12.27 20.44
C SER D 214 15.58 -12.60 21.35
N ASP D 215 15.60 -13.81 21.93
CA ASP D 215 16.69 -14.21 22.82
C ASP D 215 18.04 -14.18 22.12
N TYR D 216 18.07 -14.17 20.79
CA TYR D 216 19.31 -14.07 20.04
C TYR D 216 19.46 -12.76 19.30
N LEU D 217 18.36 -12.07 19.00
CA LEU D 217 18.45 -10.91 18.14
C LEU D 217 17.90 -9.61 18.71
N GLY D 218 17.21 -9.64 19.84
CA GLY D 218 16.69 -8.43 20.44
C GLY D 218 15.44 -7.90 19.75
N ARG D 219 14.69 -7.08 20.50
CA ARG D 219 13.56 -6.34 19.96
C ARG D 219 14.06 -4.97 19.50
N HIS D 220 14.62 -4.96 18.29
CA HIS D 220 15.16 -3.73 17.72
C HIS D 220 15.22 -3.84 16.20
N THR D 223 16.35 -4.73 12.61
CA THR D 223 16.88 -4.77 11.24
C THR D 223 17.27 -6.19 10.76
N LYS D 224 17.49 -6.30 9.46
CA LYS D 224 17.67 -7.59 8.79
C LYS D 224 18.76 -8.42 9.46
N ALA D 225 18.59 -9.73 9.44
CA ALA D 225 19.55 -10.65 10.05
C ALA D 225 19.80 -11.79 9.08
N VAL D 226 21.06 -12.00 8.73
CA VAL D 226 21.44 -13.15 7.94
C VAL D 226 21.45 -14.37 8.84
N VAL D 227 20.76 -15.43 8.41
CA VAL D 227 20.74 -16.73 9.08
C VAL D 227 20.94 -17.80 8.00
N LYS D 228 21.11 -19.04 8.47
CA LYS D 228 21.36 -20.14 7.54
C LYS D 228 20.70 -21.41 8.02
N LEU D 229 19.97 -22.05 7.12
CA LEU D 229 19.38 -23.36 7.39
C LEU D 229 20.42 -24.46 7.18
N GLN D 230 20.43 -25.44 8.07
CA GLN D 230 21.31 -26.60 7.93
C GLN D 230 20.52 -27.82 8.38
N LYS D 231 21.08 -29.01 8.13
CA LYS D 231 20.47 -30.21 8.67
C LYS D 231 21.48 -30.94 9.54
N LYS D 232 20.95 -31.55 10.60
CA LYS D 232 21.75 -32.23 11.63
C LYS D 232 22.73 -33.22 11.01
N GLY D 233 22.31 -33.95 9.98
CA GLY D 233 23.19 -34.88 9.30
C GLY D 233 24.30 -34.20 8.55
#